data_4XAS
#
_entry.id   4XAS
#
_cell.length_a   78.044
_cell.length_b   135.858
_cell.length_c   92.200
_cell.angle_alpha   90.000
_cell.angle_beta   90.000
_cell.angle_gamma   90.000
#
_symmetry.space_group_name_H-M   'P 21 21 2'
#
loop_
_entity.id
_entity.type
_entity.pdbx_description
1 polymer 'Metabotropic glutamate receptor 2'
2 non-polymer "(1R,4S,5S,6S)-4-aminospiro[bicyclo[3.1.0]hexane-2,1'-cyclopropane]-4,6-dicarboxylic acid"
3 water water
#
_entity_poly.entity_id   1
_entity_poly.type   'polypeptide(L)'
_entity_poly.pdbx_seq_one_letter_code
;MALGSLLALLALLLLWGAVAEGPAKKVLTLEGDLVLGGLFPVHQKGGPAEDCGPVNEHRGIQRLEAMLFALDRINRDPHL
LPGVRLGAHILDSCSKDTHALEQALDFVRASLSRGADGSRHICPDGSYATHGDAPTAITGVIGGSYSDVSIQVANLLRLF
QIPQISYASTSAKLSDKSRYDYFARTVPPDFFQAKAMAEILRFFNWTYVSTVASEGDYGETGIEAFELEARARNISVATS
EKVGRAMSRAAFEGVVRALLQKPSARVAVLFTRSEDARELLAASQRLNASFTWVASDGWGALEEVVAGSEGAAEGAITIE
LASYPISDFASYFQSLDPWNNSRNPWFREFWEQRFRCSFRQRDCAAHSLRAVPFEQESKIMFVVNAVYAMAHALHNMHRA
LCPNTTRLCDAMRPVNGRRLYKDFVLNVKFDAPFRPADTHNEVRFDRFGDGIGRYNIFTYLRAGSGRYRYQKVGYWAEGL
TLDTSLIPWASPSAGEGHHHHHH
;
_entity_poly.pdbx_strand_id   A,B
#
# COMPACT_ATOMS: atom_id res chain seq x y z
N LYS A 25 22.44 7.72 -1.38
CA LYS A 25 23.46 8.79 -1.31
C LYS A 25 24.01 9.18 -2.67
N LYS A 26 24.14 8.22 -3.60
CA LYS A 26 24.66 8.46 -4.95
C LYS A 26 23.52 8.58 -5.96
N VAL A 27 23.76 9.33 -7.04
CA VAL A 27 22.81 9.57 -8.13
C VAL A 27 23.55 9.64 -9.49
N LEU A 28 23.23 8.69 -10.35
CA LEU A 28 23.78 8.59 -11.69
C LEU A 28 23.04 9.58 -12.56
N THR A 29 23.73 10.66 -12.91
CA THR A 29 23.21 11.76 -13.72
C THR A 29 24.04 11.87 -14.98
N LEU A 30 23.34 12.05 -16.11
CA LEU A 30 23.90 12.25 -17.45
C LEU A 30 23.06 13.34 -18.14
N GLU A 31 23.70 14.22 -18.93
CA GLU A 31 23.00 15.30 -19.64
C GLU A 31 22.21 14.80 -20.86
N GLY A 32 21.12 15.50 -21.16
CA GLY A 32 20.24 15.27 -22.29
C GLY A 32 19.23 16.40 -22.49
N ASP A 33 18.53 16.39 -23.63
CA ASP A 33 17.54 17.42 -23.91
C ASP A 33 16.26 17.07 -23.15
N LEU A 34 16.08 15.76 -22.89
CA LEU A 34 14.99 15.20 -22.10
C LEU A 34 15.68 14.27 -21.16
N VAL A 35 15.17 14.11 -19.94
CA VAL A 35 15.83 13.24 -18.97
C VAL A 35 14.87 12.12 -18.53
N LEU A 36 15.34 10.89 -18.56
CA LEU A 36 14.56 9.76 -18.15
C LEU A 36 15.06 9.25 -16.82
N GLY A 37 14.18 9.24 -15.82
CA GLY A 37 14.48 8.72 -14.49
C GLY A 37 14.74 7.23 -14.56
N GLY A 38 15.50 6.74 -13.60
CA GLY A 38 15.89 5.35 -13.45
C GLY A 38 15.77 4.92 -12.00
N LEU A 39 15.30 3.68 -11.76
CA LEU A 39 15.22 3.09 -10.42
C LEU A 39 15.55 1.59 -10.47
N PHE A 40 16.64 1.20 -9.77
CA PHE A 40 17.09 -0.19 -9.75
C PHE A 40 17.51 -0.56 -8.35
N PRO A 41 17.37 -1.85 -7.92
CA PRO A 41 17.86 -2.22 -6.58
C PRO A 41 19.37 -2.46 -6.64
N VAL A 42 20.15 -1.42 -7.01
CA VAL A 42 21.61 -1.45 -7.12
C VAL A 42 22.19 -2.11 -5.87
N HIS A 43 21.61 -1.79 -4.69
CA HIS A 43 21.99 -2.40 -3.43
C HIS A 43 20.83 -3.21 -2.85
N GLN A 44 21.14 -4.32 -2.17
CA GLN A 44 20.15 -5.12 -1.46
C GLN A 44 19.72 -4.29 -0.23
N LYS A 45 18.73 -4.75 0.56
CA LYS A 45 18.37 -3.96 1.75
C LYS A 45 19.36 -4.25 2.86
N GLY A 46 19.56 -3.30 3.77
CA GLY A 46 20.50 -3.45 4.86
C GLY A 46 19.89 -4.10 6.09
N GLY A 47 20.33 -3.63 7.26
CA GLY A 47 19.86 -4.08 8.56
C GLY A 47 18.97 -3.04 9.23
N PRO A 48 19.02 -2.89 10.58
CA PRO A 48 18.16 -1.88 11.24
C PRO A 48 18.76 -0.46 11.25
N ALA A 49 20.10 -0.36 11.37
CA ALA A 49 20.83 0.91 11.40
C ALA A 49 21.13 1.44 9.99
N GLU A 50 21.33 0.53 9.01
CA GLU A 50 21.62 0.81 7.61
C GLU A 50 20.40 0.53 6.72
N ASP A 51 20.20 1.39 5.70
CA ASP A 51 19.09 1.30 4.75
C ASP A 51 19.51 0.65 3.41
N CYS A 52 20.83 0.45 3.23
CA CYS A 52 21.44 -0.12 2.05
C CYS A 52 22.52 -1.21 2.40
N GLY A 53 22.34 -2.41 1.84
CA GLY A 53 23.24 -3.54 2.07
C GLY A 53 24.32 -3.71 1.02
N PRO A 54 24.78 -4.97 0.78
CA PRO A 54 25.82 -5.18 -0.25
C PRO A 54 25.33 -4.89 -1.67
N VAL A 55 26.26 -4.91 -2.64
CA VAL A 55 25.91 -4.69 -4.04
C VAL A 55 25.10 -5.88 -4.51
N ASN A 56 24.04 -5.58 -5.30
CA ASN A 56 23.17 -6.55 -5.93
C ASN A 56 23.61 -6.49 -7.39
N GLU A 57 24.40 -7.48 -7.79
CA GLU A 57 25.02 -7.55 -9.10
C GLU A 57 24.05 -7.79 -10.28
N HIS A 58 23.24 -8.81 -10.15
CA HIS A 58 22.42 -9.33 -11.23
C HIS A 58 21.19 -8.53 -11.51
N ARG A 59 20.40 -8.31 -10.50
CA ARG A 59 19.17 -7.54 -10.60
C ARG A 59 19.39 -6.05 -10.35
N GLY A 60 20.65 -5.65 -10.09
CA GLY A 60 21.04 -4.27 -9.81
C GLY A 60 21.95 -3.66 -10.85
N ILE A 61 23.19 -4.09 -10.87
CA ILE A 61 24.21 -3.61 -11.78
C ILE A 61 23.95 -3.94 -13.26
N GLN A 62 23.62 -5.16 -13.57
CA GLN A 62 23.34 -5.52 -14.96
C GLN A 62 22.09 -4.80 -15.46
N ARG A 63 21.09 -4.63 -14.58
CA ARG A 63 19.86 -3.93 -14.93
C ARG A 63 20.13 -2.45 -15.14
N LEU A 64 20.91 -1.83 -14.25
CA LEU A 64 21.32 -0.42 -14.39
C LEU A 64 22.12 -0.23 -15.68
N GLU A 65 23.09 -1.14 -15.93
CA GLU A 65 23.96 -1.08 -17.09
C GLU A 65 23.21 -1.36 -18.37
N ALA A 66 22.09 -2.16 -18.32
CA ALA A 66 21.23 -2.39 -19.49
C ALA A 66 20.54 -1.07 -19.98
N MET A 67 20.06 -0.25 -19.02
CA MET A 67 19.42 1.02 -19.34
C MET A 67 20.42 1.97 -19.99
N LEU A 68 21.67 2.02 -19.47
CA LEU A 68 22.75 2.86 -19.97
C LEU A 68 23.11 2.41 -21.37
N PHE A 69 23.15 1.07 -21.56
CA PHE A 69 23.42 0.46 -22.85
C PHE A 69 22.34 0.92 -23.85
N ALA A 70 21.04 0.78 -23.49
CA ALA A 70 19.92 1.18 -24.36
C ALA A 70 20.00 2.67 -24.65
N LEU A 71 20.26 3.48 -23.62
CA LEU A 71 20.40 4.94 -23.76
C LEU A 71 21.48 5.27 -24.77
N ASP A 72 22.68 4.65 -24.60
CA ASP A 72 23.83 4.80 -25.52
C ASP A 72 23.50 4.47 -26.96
N ARG A 73 22.72 3.39 -27.22
CA ARG A 73 22.35 3.03 -28.60
C ARG A 73 21.23 3.92 -29.16
N ILE A 74 20.21 4.28 -28.33
CA ILE A 74 19.15 5.19 -28.74
C ILE A 74 19.81 6.52 -29.23
N ASN A 75 20.76 7.05 -28.45
CA ASN A 75 21.46 8.30 -28.76
C ASN A 75 22.38 8.22 -30.03
N ARG A 76 22.70 7.02 -30.51
CA ARG A 76 23.49 6.79 -31.75
C ARG A 76 22.55 6.60 -32.96
N ASP A 77 21.33 6.10 -32.69
CA ASP A 77 20.30 5.77 -33.67
C ASP A 77 19.83 6.95 -34.55
N PRO A 78 19.98 6.84 -35.89
CA PRO A 78 19.48 7.91 -36.76
C PRO A 78 17.97 7.84 -37.02
N HIS A 79 17.33 6.68 -36.74
CA HIS A 79 15.89 6.51 -36.96
C HIS A 79 15.04 6.72 -35.70
N LEU A 80 15.64 6.57 -34.51
CA LEU A 80 14.98 6.81 -33.22
C LEU A 80 15.56 8.09 -32.59
N LEU A 81 14.68 9.08 -32.31
CA LEU A 81 15.00 10.44 -31.78
C LEU A 81 16.37 10.99 -32.30
N PRO A 82 16.57 11.15 -33.62
CA PRO A 82 17.88 11.62 -34.13
C PRO A 82 18.36 12.98 -33.60
N GLY A 83 17.45 13.94 -33.48
CA GLY A 83 17.75 15.30 -33.04
C GLY A 83 17.64 15.55 -31.55
N VAL A 84 16.90 14.67 -30.83
CA VAL A 84 16.67 14.76 -29.40
C VAL A 84 17.53 13.78 -28.63
N ARG A 85 18.30 14.31 -27.65
CA ARG A 85 19.19 13.54 -26.80
C ARG A 85 18.48 13.09 -25.54
N LEU A 86 18.84 11.92 -25.02
CA LEU A 86 18.21 11.45 -23.79
C LEU A 86 19.22 11.30 -22.68
N GLY A 87 18.98 12.05 -21.62
CA GLY A 87 19.75 12.00 -20.39
C GLY A 87 19.07 11.03 -19.46
N ALA A 88 19.59 10.93 -18.24
CA ALA A 88 19.02 10.02 -17.25
C ALA A 88 19.32 10.50 -15.85
N HIS A 89 18.47 10.06 -14.92
CA HIS A 89 18.59 10.32 -13.51
C HIS A 89 18.30 8.99 -12.84
N ILE A 90 19.35 8.15 -12.76
CA ILE A 90 19.25 6.80 -12.21
C ILE A 90 19.55 6.78 -10.71
N LEU A 91 18.55 6.33 -9.97
CA LEU A 91 18.55 6.23 -8.52
C LEU A 91 18.65 4.81 -8.05
N ASP A 92 19.05 4.69 -6.82
CA ASP A 92 19.19 3.44 -6.14
C ASP A 92 18.04 3.32 -5.17
N SER A 93 17.23 2.25 -5.37
CA SER A 93 16.06 1.90 -4.58
C SER A 93 16.42 1.21 -3.26
N CYS A 94 17.62 0.56 -3.21
CA CYS A 94 18.14 -0.23 -2.08
C CYS A 94 17.17 -1.35 -1.64
N SER A 95 16.46 -1.96 -2.62
CA SER A 95 15.45 -3.03 -2.49
C SER A 95 14.44 -2.70 -1.39
N LYS A 96 14.15 -1.41 -1.16
CA LYS A 96 13.25 -1.00 -0.08
C LYS A 96 12.42 0.20 -0.49
N ASP A 97 11.08 0.07 -0.33
CA ASP A 97 10.09 1.07 -0.78
C ASP A 97 10.30 2.48 -0.21
N THR A 98 10.46 2.59 1.11
CA THR A 98 10.67 3.83 1.87
C THR A 98 11.94 4.58 1.46
N HIS A 99 12.97 3.87 1.05
CA HIS A 99 14.23 4.45 0.63
C HIS A 99 14.12 4.88 -0.79
N ALA A 100 13.43 4.08 -1.57
CA ALA A 100 13.17 4.39 -2.98
C ALA A 100 12.33 5.63 -3.14
N LEU A 101 11.40 5.83 -2.23
CA LEU A 101 10.48 6.93 -2.26
C LEU A 101 11.12 8.24 -1.88
N GLU A 102 12.09 8.20 -0.97
CA GLU A 102 12.94 9.30 -0.53
C GLU A 102 13.72 9.75 -1.72
N GLN A 103 14.26 8.79 -2.47
CA GLN A 103 15.05 9.04 -3.67
C GLN A 103 14.22 9.58 -4.79
N ALA A 104 13.05 8.92 -5.08
CA ALA A 104 12.14 9.28 -6.18
C ALA A 104 11.69 10.73 -6.16
N LEU A 105 11.77 11.37 -4.96
CA LEU A 105 11.51 12.79 -4.70
C LEU A 105 12.27 13.69 -5.72
N ASP A 106 13.44 13.22 -6.21
CA ASP A 106 14.30 13.88 -7.20
C ASP A 106 13.53 14.08 -8.48
N PHE A 107 12.79 13.05 -8.92
CA PHE A 107 11.99 13.05 -10.14
C PHE A 107 10.87 14.10 -10.14
N VAL A 108 10.44 14.57 -8.94
CA VAL A 108 9.32 15.50 -8.74
C VAL A 108 9.72 16.86 -8.12
N ARG A 109 11.04 17.10 -7.88
CA ARG A 109 11.59 18.35 -7.31
C ARG A 109 11.60 19.51 -8.32
N ALA A 110 11.24 19.24 -9.58
CA ALA A 110 11.11 20.25 -10.63
C ALA A 110 9.84 21.05 -10.33
N SER A 111 8.93 20.47 -9.51
CA SER A 111 7.66 21.03 -9.08
C SER A 111 7.25 20.53 -7.68
N THR A 136 16.76 18.57 -12.09
CA THR A 136 16.42 18.69 -13.51
C THR A 136 15.03 18.11 -13.80
N ALA A 137 14.34 18.62 -14.87
CA ALA A 137 13.01 18.17 -15.30
C ALA A 137 13.05 16.73 -15.75
N ILE A 138 12.07 15.90 -15.31
CA ILE A 138 12.01 14.47 -15.66
C ILE A 138 10.81 14.15 -16.60
N THR A 139 11.08 13.73 -17.85
CA THR A 139 10.06 13.38 -18.84
C THR A 139 9.27 12.10 -18.47
N GLY A 140 9.99 11.01 -18.17
CA GLY A 140 9.46 9.71 -17.78
C GLY A 140 10.39 8.98 -16.82
N VAL A 141 9.92 7.86 -16.26
CA VAL A 141 10.73 7.05 -15.32
C VAL A 141 10.76 5.56 -15.72
N ILE A 142 11.99 4.99 -15.78
CA ILE A 142 12.22 3.58 -16.04
C ILE A 142 12.48 3.00 -14.66
N GLY A 143 11.60 2.07 -14.23
CA GLY A 143 11.64 1.43 -12.92
C GLY A 143 10.30 1.35 -12.19
N GLY A 144 10.28 0.81 -10.97
CA GLY A 144 11.43 0.22 -10.27
C GLY A 144 11.48 -1.26 -10.58
N SER A 145 12.02 -2.06 -9.64
CA SER A 145 12.08 -3.51 -9.85
C SER A 145 10.96 -4.14 -9.03
N TYR A 146 11.07 -4.02 -7.71
CA TYR A 146 10.16 -4.52 -6.72
C TYR A 146 8.82 -3.85 -6.86
N SER A 147 7.76 -4.65 -6.83
CA SER A 147 6.39 -4.15 -7.02
C SER A 147 5.98 -3.11 -5.97
N ASP A 148 6.35 -3.34 -4.68
CA ASP A 148 6.01 -2.36 -3.64
C ASP A 148 6.77 -1.06 -3.87
N VAL A 149 7.91 -1.13 -4.57
CA VAL A 149 8.73 0.02 -4.94
C VAL A 149 7.98 0.78 -6.05
N SER A 150 7.52 0.06 -7.13
CA SER A 150 6.83 0.67 -8.26
C SER A 150 5.48 1.31 -7.92
N ILE A 151 4.74 0.75 -6.93
CA ILE A 151 3.46 1.24 -6.40
C ILE A 151 3.62 2.54 -5.67
N GLN A 152 4.60 2.58 -4.72
CA GLN A 152 4.90 3.76 -3.95
C GLN A 152 5.31 4.91 -4.88
N VAL A 153 6.24 4.65 -5.79
CA VAL A 153 6.77 5.58 -6.77
C VAL A 153 5.64 6.11 -7.70
N ALA A 154 4.72 5.21 -8.17
CA ALA A 154 3.62 5.61 -9.05
C ALA A 154 2.61 6.56 -8.37
N ASN A 155 2.19 6.25 -7.13
CA ASN A 155 1.29 7.11 -6.35
C ASN A 155 1.82 8.57 -6.31
N LEU A 156 3.15 8.76 -6.27
CA LEU A 156 3.82 10.06 -6.29
C LEU A 156 3.91 10.61 -7.73
N LEU A 157 4.41 9.80 -8.70
CA LEU A 157 4.63 10.19 -10.10
C LEU A 157 3.35 10.65 -10.78
N ARG A 158 2.22 10.01 -10.48
CA ARG A 158 0.96 10.46 -11.07
C ARG A 158 0.60 11.90 -10.64
N LEU A 159 0.99 12.31 -9.38
CA LEU A 159 0.70 13.66 -8.84
C LEU A 159 1.32 14.76 -9.70
N PHE A 160 2.42 14.44 -10.37
CA PHE A 160 3.10 15.38 -11.22
C PHE A 160 3.08 14.89 -12.69
N GLN A 161 2.02 14.12 -13.05
CA GLN A 161 1.69 13.53 -14.37
C GLN A 161 2.89 12.94 -15.14
N ILE A 162 3.81 12.24 -14.41
CA ILE A 162 5.05 11.67 -14.97
C ILE A 162 4.87 10.20 -15.37
N PRO A 163 4.97 9.87 -16.67
CA PRO A 163 4.80 8.47 -17.09
C PRO A 163 5.89 7.56 -16.51
N GLN A 164 5.46 6.37 -16.05
CA GLN A 164 6.32 5.36 -15.48
C GLN A 164 6.23 4.07 -16.27
N ILE A 165 7.39 3.49 -16.60
CA ILE A 165 7.49 2.19 -17.28
C ILE A 165 8.40 1.24 -16.46
N SER A 166 7.79 0.18 -15.89
CA SER A 166 8.55 -0.82 -15.13
C SER A 166 8.92 -2.03 -16.04
N TYR A 167 10.10 -2.57 -15.82
CA TYR A 167 10.71 -3.70 -16.52
C TYR A 167 10.63 -5.00 -15.70
N ALA A 168 10.01 -4.98 -14.47
CA ALA A 168 10.03 -6.14 -13.55
C ALA A 168 8.85 -6.28 -12.60
N SER A 169 8.12 -5.17 -12.37
CA SER A 169 7.01 -5.15 -11.44
C SER A 169 5.82 -5.90 -11.96
N THR A 170 5.58 -7.12 -11.40
CA THR A 170 4.52 -8.04 -11.85
C THR A 170 3.21 -8.01 -11.07
N SER A 171 3.13 -7.23 -9.97
CA SER A 171 1.89 -7.18 -9.20
C SER A 171 0.64 -6.85 -10.03
N ALA A 172 -0.43 -7.66 -9.85
CA ALA A 172 -1.71 -7.45 -10.56
C ALA A 172 -2.32 -6.11 -10.17
N LYS A 173 -2.00 -5.63 -8.96
CA LYS A 173 -2.43 -4.35 -8.41
C LYS A 173 -2.12 -3.21 -9.37
N LEU A 174 -1.01 -3.33 -10.11
CA LEU A 174 -0.55 -2.32 -11.05
C LEU A 174 -1.29 -2.30 -12.41
N SER A 175 -2.22 -3.25 -12.64
CA SER A 175 -3.01 -3.27 -13.89
C SER A 175 -4.26 -2.35 -13.87
N ASP A 176 -4.63 -1.81 -12.68
CA ASP A 176 -5.79 -0.94 -12.47
C ASP A 176 -5.47 0.56 -12.76
N LYS A 177 -5.92 1.06 -13.94
CA LYS A 177 -5.64 2.43 -14.42
C LYS A 177 -6.46 3.57 -13.75
N SER A 178 -7.35 3.24 -12.79
CA SER A 178 -8.08 4.26 -12.00
C SER A 178 -7.08 4.75 -10.97
N ARG A 179 -6.33 3.81 -10.40
CA ARG A 179 -5.32 4.08 -9.41
C ARG A 179 -3.93 4.33 -10.04
N TYR A 180 -3.51 3.56 -11.08
CA TYR A 180 -2.16 3.75 -11.65
C TYR A 180 -2.21 4.21 -13.11
N ASP A 181 -2.78 5.41 -13.29
CA ASP A 181 -3.05 6.06 -14.57
C ASP A 181 -1.82 6.53 -15.32
N TYR A 182 -0.63 6.50 -14.73
CA TYR A 182 0.58 6.92 -15.45
C TYR A 182 1.62 5.80 -15.49
N PHE A 183 1.24 4.59 -15.03
CA PHE A 183 2.08 3.42 -15.01
C PHE A 183 1.84 2.43 -16.18
N ALA A 184 2.94 1.84 -16.67
CA ALA A 184 2.98 0.83 -17.71
C ALA A 184 4.20 -0.03 -17.44
N ARG A 185 4.25 -1.22 -18.02
CA ARG A 185 5.33 -2.16 -17.81
C ARG A 185 5.63 -3.00 -19.03
N THR A 186 6.88 -3.46 -19.19
CA THR A 186 7.22 -4.36 -20.31
C THR A 186 6.95 -5.85 -19.94
N VAL A 187 6.38 -6.08 -18.74
CA VAL A 187 6.09 -7.37 -18.12
C VAL A 187 4.59 -7.67 -17.92
N PRO A 188 4.20 -8.96 -17.80
CA PRO A 188 2.77 -9.27 -17.56
C PRO A 188 2.34 -9.17 -16.11
N PRO A 189 1.01 -9.04 -15.82
CA PRO A 189 0.58 -9.08 -14.42
C PRO A 189 0.68 -10.52 -13.89
N ASP A 190 0.69 -10.69 -12.55
CA ASP A 190 0.87 -12.01 -11.95
C ASP A 190 -0.41 -12.88 -12.04
N PHE A 191 -1.54 -12.30 -12.54
CA PHE A 191 -2.80 -13.03 -12.81
C PHE A 191 -2.48 -14.26 -13.67
N PHE A 192 -1.67 -14.07 -14.73
CA PHE A 192 -1.29 -15.21 -15.58
C PHE A 192 -0.30 -16.18 -14.92
N GLN A 193 0.68 -15.65 -14.18
CA GLN A 193 1.71 -16.46 -13.49
C GLN A 193 1.14 -17.40 -12.44
N ALA A 194 0.09 -16.97 -11.72
CA ALA A 194 -0.60 -17.73 -10.67
C ALA A 194 -1.37 -18.87 -11.28
N LYS A 195 -1.90 -18.62 -12.48
CA LYS A 195 -2.63 -19.55 -13.33
C LYS A 195 -1.60 -20.56 -13.81
N ALA A 196 -0.44 -20.08 -14.28
CA ALA A 196 0.66 -20.97 -14.70
C ALA A 196 1.07 -21.98 -13.59
N MET A 197 1.19 -21.51 -12.35
CA MET A 197 1.68 -22.34 -11.25
C MET A 197 0.67 -23.41 -10.79
N ALA A 198 -0.65 -23.12 -10.87
CA ALA A 198 -1.69 -24.10 -10.49
C ALA A 198 -1.82 -25.16 -11.55
N GLU A 199 -1.44 -24.82 -12.79
CA GLU A 199 -1.48 -25.74 -13.93
C GLU A 199 -0.39 -26.73 -13.84
N ILE A 200 0.76 -26.31 -13.29
CA ILE A 200 1.92 -27.16 -13.02
C ILE A 200 1.51 -28.19 -11.95
N LEU A 201 0.83 -27.76 -10.87
CA LEU A 201 0.42 -28.64 -9.77
C LEU A 201 -0.63 -29.62 -10.24
N ARG A 202 -1.62 -29.11 -11.00
CA ARG A 202 -2.73 -29.90 -11.51
C ARG A 202 -2.22 -30.97 -12.44
N PHE A 203 -1.18 -30.64 -13.25
CA PHE A 203 -0.51 -31.56 -14.17
C PHE A 203 0.13 -32.73 -13.39
N PHE A 204 0.87 -32.43 -12.29
CA PHE A 204 1.54 -33.47 -11.51
C PHE A 204 0.64 -34.10 -10.44
N ASN A 205 -0.64 -33.69 -10.42
CA ASN A 205 -1.71 -34.14 -9.52
C ASN A 205 -1.36 -33.91 -8.04
N TRP A 206 -0.60 -32.83 -7.77
CA TRP A 206 -0.25 -32.41 -6.43
C TRP A 206 -1.47 -31.67 -5.93
N THR A 207 -2.35 -32.38 -5.20
CA THR A 207 -3.66 -31.88 -4.74
C THR A 207 -3.63 -31.21 -3.38
N TYR A 208 -2.57 -31.44 -2.61
CA TYR A 208 -2.40 -30.97 -1.24
C TYR A 208 -1.06 -30.28 -1.18
N VAL A 209 -1.08 -28.93 -1.12
CA VAL A 209 0.15 -28.14 -1.16
C VAL A 209 0.17 -27.06 -0.07
N SER A 210 1.35 -26.48 0.19
CA SER A 210 1.55 -25.41 1.16
C SER A 210 2.02 -24.15 0.43
N THR A 211 1.78 -22.96 0.99
CA THR A 211 2.20 -21.71 0.35
C THR A 211 3.05 -20.85 1.26
N VAL A 212 3.94 -20.03 0.66
CA VAL A 212 4.82 -19.12 1.37
C VAL A 212 4.87 -17.80 0.58
N ALA A 213 4.47 -16.70 1.18
CA ALA A 213 4.52 -15.48 0.45
C ALA A 213 5.20 -14.38 1.22
N SER A 214 6.04 -13.60 0.53
CA SER A 214 6.69 -12.43 1.10
C SER A 214 5.60 -11.42 1.30
N GLU A 215 5.50 -10.87 2.52
CA GLU A 215 4.54 -9.80 2.86
C GLU A 215 4.67 -8.66 1.85
N GLY A 216 3.55 -8.07 1.45
CA GLY A 216 3.53 -6.99 0.48
C GLY A 216 2.68 -7.29 -0.74
N ASP A 217 2.74 -6.41 -1.72
CA ASP A 217 1.89 -6.46 -2.91
C ASP A 217 2.29 -7.48 -3.95
N TYR A 218 3.47 -8.11 -3.84
CA TYR A 218 3.85 -9.16 -4.78
C TYR A 218 3.50 -10.56 -4.21
N GLY A 219 3.93 -10.80 -2.97
CA GLY A 219 3.72 -12.07 -2.32
C GLY A 219 2.28 -12.40 -2.06
N GLU A 220 1.61 -11.53 -1.30
CA GLU A 220 0.22 -11.64 -0.85
C GLU A 220 -0.82 -11.70 -1.99
N THR A 221 -0.68 -10.87 -3.00
CA THR A 221 -1.63 -10.90 -4.12
C THR A 221 -1.30 -12.08 -5.02
N GLY A 222 -0.02 -12.35 -5.25
CA GLY A 222 0.45 -13.46 -6.07
C GLY A 222 -0.11 -14.80 -5.64
N ILE A 223 0.08 -15.11 -4.35
CA ILE A 223 -0.34 -16.34 -3.67
C ILE A 223 -1.82 -16.40 -3.55
N GLU A 224 -2.50 -15.29 -3.19
CA GLU A 224 -3.96 -15.25 -3.11
C GLU A 224 -4.53 -15.57 -4.50
N ALA A 225 -3.96 -14.96 -5.55
CA ALA A 225 -4.38 -15.28 -6.92
C ALA A 225 -4.14 -16.75 -7.19
N PHE A 226 -2.98 -17.27 -6.71
CA PHE A 226 -2.63 -18.68 -6.91
C PHE A 226 -3.63 -19.63 -6.25
N GLU A 227 -4.00 -19.34 -5.00
CA GLU A 227 -4.86 -20.18 -4.15
C GLU A 227 -6.27 -20.30 -4.70
N LEU A 228 -6.75 -19.25 -5.36
CA LEU A 228 -8.04 -19.28 -6.04
C LEU A 228 -7.99 -20.23 -7.28
N GLU A 229 -6.90 -20.16 -8.09
CA GLU A 229 -6.70 -21.02 -9.27
C GLU A 229 -6.48 -22.50 -8.87
N ALA A 230 -5.89 -22.73 -7.68
CA ALA A 230 -5.62 -24.04 -7.11
C ALA A 230 -6.95 -24.70 -6.70
N ARG A 231 -7.80 -23.93 -5.97
CA ARG A 231 -9.13 -24.33 -5.48
C ARG A 231 -10.00 -24.83 -6.66
N ALA A 232 -10.08 -24.02 -7.71
CA ALA A 232 -10.86 -24.25 -8.92
C ALA A 232 -10.40 -25.46 -9.74
N ARG A 233 -9.22 -26.01 -9.40
CA ARG A 233 -8.60 -27.19 -10.00
C ARG A 233 -8.46 -28.27 -8.91
N ASN A 234 -9.25 -28.15 -7.81
CA ASN A 234 -9.34 -29.07 -6.66
C ASN A 234 -8.07 -29.19 -5.80
N ILE A 235 -7.14 -28.24 -5.88
CA ILE A 235 -5.90 -28.28 -5.11
C ILE A 235 -6.07 -27.52 -3.80
N SER A 236 -6.17 -28.27 -2.69
CA SER A 236 -6.31 -27.73 -1.34
C SER A 236 -4.98 -27.26 -0.76
N VAL A 237 -5.03 -26.17 0.01
CA VAL A 237 -3.88 -25.60 0.71
C VAL A 237 -3.86 -26.18 2.14
N ALA A 238 -2.71 -26.74 2.57
CA ALA A 238 -2.51 -27.34 3.90
C ALA A 238 -2.26 -26.24 4.91
N THR A 239 -1.33 -25.31 4.56
CA THR A 239 -0.99 -24.15 5.39
C THR A 239 -0.37 -23.04 4.54
N SER A 240 -0.48 -21.82 5.02
CA SER A 240 0.00 -20.64 4.33
C SER A 240 0.80 -19.79 5.28
N GLU A 241 2.07 -19.55 4.93
CA GLU A 241 2.96 -18.77 5.77
C GLU A 241 3.36 -17.47 5.10
N LYS A 242 3.65 -16.47 5.93
CA LYS A 242 4.10 -15.13 5.55
C LYS A 242 5.55 -14.96 5.98
N VAL A 243 6.34 -14.27 5.14
CA VAL A 243 7.73 -13.93 5.36
C VAL A 243 7.74 -12.41 5.46
N GLY A 244 7.93 -11.90 6.69
CA GLY A 244 7.95 -10.47 7.01
C GLY A 244 9.12 -9.70 6.45
N ARG A 245 9.12 -8.36 6.62
CA ARG A 245 10.19 -7.46 6.15
C ARG A 245 11.49 -7.55 6.95
N ALA A 246 11.44 -7.92 8.24
CA ALA A 246 12.64 -8.02 9.07
C ALA A 246 12.72 -9.38 9.77
N MET A 247 12.94 -10.42 8.96
CA MET A 247 12.99 -11.82 9.37
C MET A 247 14.35 -12.24 9.91
N SER A 248 14.31 -13.03 11.00
CA SER A 248 15.49 -13.59 11.65
C SER A 248 15.65 -15.04 11.22
N ARG A 249 16.88 -15.61 11.36
CA ARG A 249 17.18 -17.01 11.00
C ARG A 249 16.31 -17.98 11.76
N ALA A 250 15.94 -17.64 13.00
CA ALA A 250 15.05 -18.39 13.87
C ALA A 250 13.61 -18.32 13.31
N ALA A 251 13.15 -17.11 12.88
CA ALA A 251 11.81 -16.89 12.32
C ALA A 251 11.62 -17.66 11.03
N PHE A 252 12.70 -17.76 10.21
CA PHE A 252 12.69 -18.55 8.96
C PHE A 252 12.50 -20.04 9.25
N GLU A 253 13.05 -20.52 10.37
CA GLU A 253 12.97 -21.91 10.82
C GLU A 253 11.55 -22.22 11.25
N GLY A 254 10.94 -21.26 11.97
CA GLY A 254 9.55 -21.31 12.41
C GLY A 254 8.60 -21.51 11.23
N VAL A 255 8.94 -20.92 10.06
CA VAL A 255 8.18 -21.05 8.79
C VAL A 255 8.29 -22.50 8.29
N VAL A 256 9.52 -23.08 8.35
CA VAL A 256 9.81 -24.45 7.92
C VAL A 256 9.04 -25.41 8.83
N ARG A 257 9.12 -25.21 10.16
CA ARG A 257 8.45 -26.05 11.15
C ARG A 257 6.93 -26.06 10.89
N ALA A 258 6.34 -24.88 10.62
CA ALA A 258 4.91 -24.74 10.28
C ALA A 258 4.58 -25.57 9.03
N LEU A 259 5.49 -25.56 8.01
CA LEU A 259 5.35 -26.34 6.77
C LEU A 259 5.42 -27.86 7.02
N LEU A 260 6.15 -28.28 8.08
CA LEU A 260 6.31 -29.69 8.39
C LEU A 260 5.16 -30.23 9.26
N GLN A 261 4.36 -29.33 9.90
CA GLN A 261 3.17 -29.66 10.69
C GLN A 261 2.12 -30.46 9.88
N LYS A 262 2.22 -30.39 8.53
CA LYS A 262 1.41 -31.13 7.55
C LYS A 262 2.37 -31.99 6.75
N PRO A 263 2.66 -33.22 7.25
CA PRO A 263 3.67 -34.08 6.62
C PRO A 263 3.34 -34.61 5.21
N SER A 264 2.08 -34.48 4.78
CA SER A 264 1.63 -34.93 3.45
C SER A 264 1.86 -33.80 2.42
N ALA A 265 1.87 -32.54 2.90
CA ALA A 265 2.08 -31.36 2.05
C ALA A 265 3.58 -31.11 1.76
N ARG A 266 4.16 -32.00 0.95
CA ARG A 266 5.54 -31.95 0.51
C ARG A 266 5.76 -30.90 -0.60
N VAL A 267 4.70 -30.24 -1.10
CA VAL A 267 4.83 -29.21 -2.14
C VAL A 267 4.75 -27.87 -1.44
N ALA A 268 5.70 -26.98 -1.76
CA ALA A 268 5.76 -25.64 -1.22
C ALA A 268 5.78 -24.63 -2.37
N VAL A 269 4.67 -23.86 -2.46
CA VAL A 269 4.42 -22.86 -3.49
C VAL A 269 4.85 -21.51 -2.95
N LEU A 270 5.83 -20.86 -3.60
CA LEU A 270 6.32 -19.55 -3.13
C LEU A 270 6.12 -18.43 -4.11
N PHE A 271 5.72 -17.28 -3.55
CA PHE A 271 5.65 -15.98 -4.23
C PHE A 271 6.46 -15.11 -3.30
N THR A 272 7.79 -15.33 -3.35
CA THR A 272 8.72 -14.65 -2.46
C THR A 272 9.73 -13.78 -3.20
N ARG A 273 10.36 -12.88 -2.45
CA ARG A 273 11.46 -12.04 -2.88
C ARG A 273 12.67 -13.00 -2.96
N SER A 274 13.70 -12.66 -3.73
CA SER A 274 14.89 -13.52 -3.92
C SER A 274 15.51 -13.93 -2.60
N GLU A 275 15.85 -12.93 -1.79
CA GLU A 275 16.42 -13.05 -0.46
C GLU A 275 15.54 -13.87 0.45
N ASP A 276 14.21 -13.79 0.26
CA ASP A 276 13.26 -14.50 1.11
C ASP A 276 13.25 -15.99 0.82
N ALA A 277 13.53 -16.41 -0.44
CA ALA A 277 13.62 -17.81 -0.93
C ALA A 277 14.93 -18.52 -0.51
N ARG A 278 16.08 -17.80 -0.63
CA ARG A 278 17.42 -18.22 -0.22
C ARG A 278 17.47 -18.61 1.28
N GLU A 279 16.98 -17.72 2.14
CA GLU A 279 16.89 -17.81 3.60
C GLU A 279 15.95 -18.93 4.06
N LEU A 280 14.93 -19.25 3.24
CA LEU A 280 13.99 -20.32 3.49
C LEU A 280 14.68 -21.63 3.08
N LEU A 281 15.48 -21.59 2.00
CA LEU A 281 16.29 -22.72 1.53
C LEU A 281 17.40 -22.99 2.52
N ALA A 282 17.92 -21.94 3.20
CA ALA A 282 18.97 -22.07 4.23
C ALA A 282 18.38 -22.68 5.50
N ALA A 283 17.20 -22.24 5.93
CA ALA A 283 16.50 -22.73 7.12
C ALA A 283 16.07 -24.20 6.98
N SER A 284 15.79 -24.64 5.74
CA SER A 284 15.36 -26.00 5.41
C SER A 284 16.55 -26.94 5.38
N GLN A 285 17.71 -26.44 4.89
CA GLN A 285 18.93 -27.23 4.89
C GLN A 285 19.40 -27.43 6.37
N ARG A 286 19.23 -26.39 7.23
CA ARG A 286 19.60 -26.45 8.66
C ARG A 286 18.75 -27.46 9.42
N LEU A 287 17.57 -27.80 8.85
CA LEU A 287 16.58 -28.68 9.46
C LEU A 287 16.39 -30.02 8.75
N ASN A 288 17.19 -30.33 7.69
CA ASN A 288 17.10 -31.56 6.86
C ASN A 288 15.65 -31.85 6.42
N ALA A 289 14.90 -30.77 6.14
CA ALA A 289 13.50 -30.79 5.70
C ALA A 289 13.47 -30.80 4.19
N SER A 290 12.69 -31.74 3.62
CA SER A 290 12.61 -31.91 2.17
C SER A 290 11.26 -31.48 1.61
N PHE A 291 11.30 -30.50 0.70
CA PHE A 291 10.13 -29.93 0.06
C PHE A 291 10.34 -29.84 -1.43
N THR A 292 9.25 -30.04 -2.18
CA THR A 292 9.17 -29.85 -3.62
C THR A 292 8.79 -28.36 -3.74
N TRP A 293 9.68 -27.55 -4.31
CA TRP A 293 9.42 -26.13 -4.43
C TRP A 293 8.93 -25.82 -5.80
N VAL A 294 7.86 -25.02 -5.86
CA VAL A 294 7.33 -24.45 -7.10
C VAL A 294 7.38 -22.98 -6.80
N ALA A 295 8.21 -22.25 -7.53
CA ALA A 295 8.41 -20.84 -7.18
C ALA A 295 8.33 -19.88 -8.31
N SER A 296 7.78 -18.71 -8.03
CA SER A 296 7.52 -17.59 -8.94
C SER A 296 8.79 -16.98 -9.49
N ASP A 297 8.67 -15.90 -10.28
CA ASP A 297 9.83 -15.23 -10.86
C ASP A 297 10.79 -14.64 -9.81
N GLY A 298 10.32 -14.36 -8.61
CA GLY A 298 11.18 -13.86 -7.54
C GLY A 298 12.45 -14.70 -7.41
N TRP A 299 12.29 -16.04 -7.34
CA TRP A 299 13.35 -17.02 -7.35
C TRP A 299 13.91 -17.06 -8.78
N GLY A 300 13.08 -17.39 -9.76
CA GLY A 300 13.47 -17.51 -11.16
C GLY A 300 14.55 -18.57 -11.32
N ALA A 301 15.56 -18.28 -12.16
CA ALA A 301 16.73 -19.14 -12.35
C ALA A 301 18.01 -18.47 -11.74
N LEU A 302 17.84 -17.81 -10.57
CA LEU A 302 18.93 -17.12 -9.89
C LEU A 302 19.84 -18.12 -9.22
N GLU A 303 21.16 -18.04 -9.50
CA GLU A 303 22.13 -18.97 -8.90
C GLU A 303 22.36 -18.60 -7.45
N GLU A 304 22.16 -17.30 -7.11
CA GLU A 304 22.36 -16.74 -5.77
C GLU A 304 21.36 -17.20 -4.72
N VAL A 305 20.24 -17.74 -5.16
CA VAL A 305 19.17 -18.21 -4.28
C VAL A 305 19.51 -19.59 -3.78
N VAL A 306 20.09 -20.42 -4.67
CA VAL A 306 20.43 -21.82 -4.40
C VAL A 306 21.83 -22.05 -3.78
N ALA A 307 22.75 -21.07 -3.86
CA ALA A 307 24.12 -21.17 -3.34
C ALA A 307 24.19 -21.57 -1.86
N GLY A 308 24.75 -22.76 -1.60
CA GLY A 308 24.89 -23.30 -0.25
C GLY A 308 23.71 -24.16 0.18
N SER A 309 22.61 -24.12 -0.61
CA SER A 309 21.39 -24.88 -0.31
C SER A 309 20.97 -25.72 -1.55
N GLU A 310 21.98 -26.28 -2.24
CA GLU A 310 21.85 -27.03 -3.49
C GLU A 310 21.03 -28.29 -3.41
N GLY A 311 21.14 -28.98 -2.28
CA GLY A 311 20.42 -30.22 -2.02
C GLY A 311 19.04 -29.98 -1.47
N ALA A 312 18.85 -28.85 -0.78
CA ALA A 312 17.57 -28.44 -0.18
C ALA A 312 16.54 -28.06 -1.24
N ALA A 313 17.02 -27.58 -2.39
CA ALA A 313 16.30 -27.08 -3.57
C ALA A 313 16.26 -28.06 -4.76
N GLU A 314 17.04 -29.18 -4.72
CA GLU A 314 17.06 -30.14 -5.83
C GLU A 314 15.64 -30.64 -6.11
N GLY A 315 15.28 -30.59 -7.39
CA GLY A 315 13.94 -30.95 -7.84
C GLY A 315 12.99 -29.77 -7.91
N ALA A 316 13.45 -28.54 -7.55
CA ALA A 316 12.62 -27.33 -7.58
C ALA A 316 12.23 -26.99 -9.00
N ILE A 317 10.99 -26.52 -9.17
CA ILE A 317 10.38 -26.04 -10.41
C ILE A 317 10.27 -24.54 -10.22
N THR A 318 10.92 -23.77 -11.10
CA THR A 318 10.94 -22.31 -11.01
C THR A 318 10.44 -21.65 -12.30
N ILE A 319 9.78 -20.51 -12.15
CA ILE A 319 9.22 -19.70 -13.23
C ILE A 319 10.09 -18.45 -13.49
N GLU A 320 10.19 -18.03 -14.75
CA GLU A 320 10.83 -16.77 -15.18
C GLU A 320 9.93 -16.28 -16.32
N LEU A 321 9.89 -14.97 -16.55
CA LEU A 321 9.10 -14.45 -17.64
C LEU A 321 9.88 -14.81 -18.91
N ALA A 322 9.18 -15.24 -19.97
CA ALA A 322 9.81 -15.59 -21.24
C ALA A 322 10.58 -14.40 -21.78
N SER A 323 11.87 -14.59 -21.99
CA SER A 323 12.77 -13.59 -22.54
C SER A 323 13.96 -14.27 -23.26
N TYR A 324 14.81 -13.48 -23.92
CA TYR A 324 16.01 -13.98 -24.59
C TYR A 324 17.21 -13.13 -24.16
N PRO A 325 18.44 -13.69 -24.10
CA PRO A 325 19.59 -12.84 -23.77
C PRO A 325 19.76 -11.93 -24.96
N ILE A 326 19.94 -10.63 -24.74
CA ILE A 326 20.01 -9.76 -25.91
C ILE A 326 21.42 -9.78 -26.50
N SER A 327 21.45 -9.59 -27.82
CA SER A 327 22.61 -9.66 -28.68
C SER A 327 23.92 -9.00 -28.13
N ASP A 328 24.00 -7.66 -28.21
CA ASP A 328 25.16 -6.81 -27.90
C ASP A 328 25.41 -6.42 -26.44
N PHE A 329 24.50 -6.79 -25.51
CA PHE A 329 24.65 -6.47 -24.09
C PHE A 329 25.85 -7.13 -23.43
N ALA A 330 26.17 -8.38 -23.83
CA ALA A 330 27.31 -9.17 -23.33
C ALA A 330 28.63 -8.46 -23.66
N SER A 331 28.74 -7.94 -24.90
CA SER A 331 29.93 -7.21 -25.36
C SER A 331 30.09 -5.98 -24.45
N TYR A 332 29.01 -5.18 -24.34
CA TYR A 332 28.94 -3.97 -23.49
C TYR A 332 29.41 -4.21 -22.03
N PHE A 333 28.62 -4.99 -21.25
CA PHE A 333 28.90 -5.30 -19.85
C PHE A 333 30.30 -5.86 -19.58
N GLN A 334 30.78 -6.81 -20.43
CA GLN A 334 32.10 -7.45 -20.27
C GLN A 334 33.23 -6.47 -20.64
N SER A 335 32.96 -5.52 -21.55
CA SER A 335 33.93 -4.48 -21.91
C SER A 335 33.94 -3.32 -20.88
N LEU A 336 33.22 -3.48 -19.75
CA LEU A 336 33.20 -2.43 -18.72
C LEU A 336 34.33 -2.66 -17.70
N ASP A 337 35.09 -1.61 -17.43
CA ASP A 337 36.19 -1.61 -16.48
C ASP A 337 36.13 -0.34 -15.60
N PRO A 338 36.81 -0.27 -14.43
CA PRO A 338 36.65 0.92 -13.57
C PRO A 338 37.35 2.21 -13.99
N TRP A 339 38.23 2.15 -15.01
CA TRP A 339 38.95 3.35 -15.46
C TRP A 339 38.29 4.02 -16.65
N ASN A 340 37.11 3.53 -17.05
CA ASN A 340 36.30 4.09 -18.14
C ASN A 340 34.87 4.36 -17.65
N ASN A 341 34.41 3.55 -16.67
CA ASN A 341 33.07 3.62 -16.13
C ASN A 341 32.97 4.52 -14.90
N SER A 342 33.41 5.77 -15.05
CA SER A 342 33.28 6.76 -14.00
C SER A 342 31.81 7.22 -13.93
N ARG A 343 31.08 7.07 -15.06
CA ARG A 343 29.66 7.42 -15.21
C ARG A 343 28.73 6.52 -14.37
N ASN A 344 29.22 5.39 -13.84
CA ASN A 344 28.45 4.55 -12.93
C ASN A 344 29.09 4.67 -11.52
N PRO A 345 28.52 5.52 -10.62
CA PRO A 345 29.12 5.71 -9.29
C PRO A 345 29.06 4.51 -8.35
N TRP A 346 28.41 3.39 -8.78
CA TRP A 346 28.33 2.21 -7.92
C TRP A 346 29.18 1.08 -8.45
N PHE A 347 29.73 1.26 -9.68
CA PHE A 347 30.53 0.29 -10.42
C PHE A 347 31.82 -0.12 -9.73
N ARG A 348 32.54 0.79 -9.13
CA ARG A 348 33.75 0.47 -8.44
C ARG A 348 33.51 -0.45 -7.28
N GLU A 349 32.35 -0.29 -6.66
CA GLU A 349 31.88 -1.12 -5.54
C GLU A 349 31.45 -2.50 -6.03
N PHE A 350 30.92 -2.58 -7.25
CA PHE A 350 30.58 -3.82 -7.90
C PHE A 350 31.90 -4.53 -8.24
N TRP A 351 32.87 -3.80 -8.82
CA TRP A 351 34.18 -4.34 -9.15
C TRP A 351 34.89 -4.98 -7.95
N GLU A 352 34.92 -4.28 -6.79
CA GLU A 352 35.55 -4.77 -5.56
C GLU A 352 34.89 -6.06 -5.07
N GLN A 353 33.57 -6.10 -5.10
CA GLN A 353 32.77 -7.22 -4.66
C GLN A 353 32.93 -8.42 -5.54
N ARG A 354 33.01 -8.20 -6.84
CA ARG A 354 33.19 -9.24 -7.86
C ARG A 354 34.55 -9.94 -7.78
N PHE A 355 35.63 -9.17 -7.66
CA PHE A 355 36.99 -9.71 -7.68
C PHE A 355 37.64 -9.85 -6.29
N ARG A 356 36.95 -9.42 -5.20
CA ARG A 356 37.39 -9.52 -3.78
C ARG A 356 38.72 -8.81 -3.54
N CYS A 357 38.85 -7.64 -4.16
CA CYS A 357 40.02 -6.78 -4.08
C CYS A 357 39.64 -5.39 -3.50
N SER A 358 40.55 -4.39 -3.62
CA SER A 358 40.38 -3.03 -3.13
C SER A 358 41.22 -2.06 -3.96
N PHE A 359 40.62 -0.94 -4.41
CA PHE A 359 41.31 0.09 -5.21
C PHE A 359 42.27 0.90 -4.33
N ARG A 360 41.88 1.11 -3.06
CA ARG A 360 42.65 1.78 -2.00
C ARG A 360 43.95 0.97 -1.74
N GLN A 361 43.86 -0.36 -1.91
CA GLN A 361 44.95 -1.31 -1.73
C GLN A 361 45.53 -1.78 -3.10
N ARG A 362 45.05 -1.16 -4.21
CA ARG A 362 45.43 -1.33 -5.64
C ARG A 362 45.55 -2.78 -6.19
N ASP A 363 44.86 -3.76 -5.58
CA ASP A 363 44.85 -5.16 -6.02
C ASP A 363 43.96 -5.36 -7.27
N CYS A 364 42.88 -4.56 -7.37
CA CYS A 364 41.82 -4.61 -8.39
C CYS A 364 42.28 -4.46 -9.84
N ALA A 365 43.11 -3.44 -10.14
CA ALA A 365 43.62 -3.08 -11.48
C ALA A 365 43.77 -4.25 -12.46
N ALA A 366 44.47 -5.33 -12.04
CA ALA A 366 44.73 -6.53 -12.83
C ALA A 366 43.53 -7.50 -12.87
N HIS A 367 42.41 -7.04 -13.41
CA HIS A 367 41.17 -7.80 -13.56
C HIS A 367 40.34 -7.31 -14.73
N SER A 368 39.58 -8.21 -15.35
CA SER A 368 38.65 -7.94 -16.44
C SER A 368 37.59 -9.00 -16.50
N LEU A 369 36.35 -8.56 -16.73
CA LEU A 369 35.13 -9.36 -16.83
C LEU A 369 35.15 -10.34 -18.03
N ARG A 370 35.97 -10.04 -19.07
CA ARG A 370 36.13 -10.82 -20.31
C ARG A 370 36.80 -12.20 -20.13
N ALA A 371 36.72 -12.79 -18.93
CA ALA A 371 37.28 -14.11 -18.58
C ALA A 371 36.30 -14.90 -17.73
N VAL A 372 35.26 -14.20 -17.25
CA VAL A 372 34.20 -14.73 -16.40
C VAL A 372 33.07 -15.37 -17.26
N PRO A 373 32.31 -16.36 -16.75
CA PRO A 373 31.24 -16.95 -17.57
C PRO A 373 29.97 -16.08 -17.53
N PHE A 374 29.95 -14.99 -18.35
CA PHE A 374 28.87 -13.98 -18.39
C PHE A 374 27.42 -14.53 -18.33
N GLU A 375 26.79 -14.39 -17.16
CA GLU A 375 25.39 -14.78 -16.96
C GLU A 375 24.51 -13.54 -17.09
N GLN A 376 23.78 -13.42 -18.22
CA GLN A 376 22.87 -12.30 -18.45
C GLN A 376 21.57 -12.51 -17.67
N GLU A 377 21.31 -11.63 -16.66
CA GLU A 377 20.09 -11.64 -15.85
C GLU A 377 18.85 -11.69 -16.79
N SER A 378 17.91 -12.61 -16.50
CA SER A 378 16.72 -12.91 -17.29
C SER A 378 15.85 -11.71 -17.69
N LYS A 379 15.77 -10.66 -16.89
CA LYS A 379 14.91 -9.52 -17.26
C LYS A 379 15.62 -8.40 -18.03
N ILE A 380 16.89 -8.61 -18.46
CA ILE A 380 17.70 -7.59 -19.18
C ILE A 380 16.92 -7.03 -20.35
N MET A 381 16.29 -7.87 -21.14
CA MET A 381 15.45 -7.51 -22.28
C MET A 381 14.27 -6.57 -21.97
N PHE A 382 13.54 -6.81 -20.90
CA PHE A 382 12.45 -5.92 -20.46
C PHE A 382 12.92 -4.51 -20.06
N VAL A 383 14.16 -4.39 -19.50
CA VAL A 383 14.80 -3.12 -19.10
C VAL A 383 15.02 -2.34 -20.40
N VAL A 384 15.77 -2.93 -21.35
CA VAL A 384 16.04 -2.40 -22.67
C VAL A 384 14.76 -2.07 -23.43
N ASN A 385 13.74 -2.95 -23.32
CA ASN A 385 12.44 -2.77 -23.93
C ASN A 385 11.70 -1.56 -23.35
N ALA A 386 11.82 -1.32 -22.01
CA ALA A 386 11.18 -0.16 -21.35
C ALA A 386 11.85 1.14 -21.87
N VAL A 387 13.17 1.21 -21.80
CA VAL A 387 13.92 2.38 -22.29
C VAL A 387 13.48 2.73 -23.74
N TYR A 388 13.51 1.74 -24.66
CA TYR A 388 13.07 1.84 -26.06
C TYR A 388 11.57 2.14 -26.22
N ALA A 389 10.69 1.66 -25.31
CA ALA A 389 9.25 1.99 -25.33
C ALA A 389 9.04 3.51 -25.11
N MET A 390 9.77 4.10 -24.15
CA MET A 390 9.71 5.52 -23.84
C MET A 390 10.25 6.32 -25.00
N ALA A 391 11.39 5.90 -25.58
CA ALA A 391 12.08 6.54 -26.70
C ALA A 391 11.20 6.65 -27.94
N HIS A 392 10.51 5.57 -28.26
CA HIS A 392 9.57 5.47 -29.37
C HIS A 392 8.31 6.30 -29.21
N ALA A 393 7.74 6.27 -28.02
CA ALA A 393 6.58 7.07 -27.61
C ALA A 393 6.88 8.58 -27.81
N LEU A 394 8.06 9.02 -27.34
CA LEU A 394 8.57 10.39 -27.41
C LEU A 394 8.90 10.69 -28.88
N HIS A 395 9.48 9.71 -29.63
CA HIS A 395 9.78 9.91 -31.07
C HIS A 395 8.48 10.19 -31.82
N ASN A 396 7.42 9.44 -31.49
CA ASN A 396 6.12 9.59 -32.11
C ASN A 396 5.41 10.85 -31.63
N MET A 397 5.60 11.24 -30.37
CA MET A 397 5.01 12.46 -29.83
C MET A 397 5.62 13.68 -30.49
N HIS A 398 6.94 13.63 -30.71
CA HIS A 398 7.75 14.62 -31.37
C HIS A 398 7.35 14.77 -32.84
N ARG A 399 6.86 13.68 -33.48
CA ARG A 399 6.39 13.69 -34.87
C ARG A 399 5.10 14.52 -34.91
N ALA A 400 4.23 14.31 -33.90
CA ALA A 400 2.95 14.99 -33.76
C ALA A 400 3.10 16.44 -33.35
N LEU A 401 4.03 16.72 -32.42
CA LEU A 401 4.17 18.07 -31.90
C LEU A 401 5.21 18.94 -32.60
N CYS A 402 6.29 18.35 -33.16
CA CYS A 402 7.37 19.09 -33.83
C CYS A 402 7.57 18.53 -35.24
N PRO A 403 6.75 18.90 -36.25
CA PRO A 403 6.90 18.30 -37.58
C PRO A 403 7.92 18.93 -38.51
N ASN A 404 8.28 20.22 -38.29
CA ASN A 404 9.21 21.00 -39.13
C ASN A 404 10.68 20.96 -38.67
N THR A 405 11.01 20.09 -37.67
CA THR A 405 12.39 19.96 -37.12
C THR A 405 12.67 18.57 -36.49
N THR A 406 13.96 18.32 -36.18
CA THR A 406 14.49 17.13 -35.51
C THR A 406 14.66 17.46 -34.02
N ARG A 407 15.00 18.74 -33.73
CA ARG A 407 15.21 19.30 -32.39
C ARG A 407 13.90 19.39 -31.61
N LEU A 408 14.00 19.40 -30.30
CA LEU A 408 12.88 19.58 -29.37
C LEU A 408 12.22 20.95 -29.48
N CYS A 409 11.06 21.03 -30.12
CA CYS A 409 10.39 22.32 -30.32
C CYS A 409 9.70 22.82 -29.02
N ASP A 410 9.11 24.04 -29.04
CA ASP A 410 8.44 24.63 -27.87
C ASP A 410 7.07 24.00 -27.57
N ALA A 411 6.41 23.39 -28.58
CA ALA A 411 5.11 22.72 -28.38
C ALA A 411 5.25 21.44 -27.51
N MET A 412 6.52 21.08 -27.23
CA MET A 412 6.97 19.91 -26.48
C MET A 412 7.92 20.29 -25.32
N ARG A 413 7.95 21.56 -24.94
CA ARG A 413 8.76 22.05 -23.81
C ARG A 413 7.75 22.63 -22.81
N PRO A 414 7.46 22.00 -21.66
CA PRO A 414 7.99 20.71 -21.19
C PRO A 414 7.21 19.60 -21.87
N VAL A 415 7.56 18.34 -21.69
CA VAL A 415 6.74 17.30 -22.33
C VAL A 415 5.50 17.12 -21.42
N ASN A 416 4.31 17.21 -22.01
CA ASN A 416 3.05 17.01 -21.32
C ASN A 416 2.87 15.50 -21.16
N GLY A 417 3.00 15.03 -19.91
CA GLY A 417 2.93 13.63 -19.53
C GLY A 417 1.61 12.93 -19.80
N ARG A 418 0.46 13.62 -19.62
CA ARG A 418 -0.88 13.09 -19.88
C ARG A 418 -1.00 12.68 -21.35
N ARG A 419 -0.56 13.56 -22.27
CA ARG A 419 -0.59 13.33 -23.71
C ARG A 419 0.44 12.27 -24.11
N LEU A 420 1.64 12.30 -23.48
CA LEU A 420 2.69 11.32 -23.75
C LEU A 420 2.22 9.94 -23.35
N TYR A 421 1.71 9.75 -22.13
CA TYR A 421 1.26 8.45 -21.67
C TYR A 421 0.12 7.85 -22.51
N LYS A 422 -1.02 8.56 -22.55
CA LYS A 422 -2.27 8.15 -23.15
C LYS A 422 -2.23 8.05 -24.65
N ASP A 423 -1.68 9.08 -25.31
CA ASP A 423 -1.67 9.14 -26.75
C ASP A 423 -0.46 8.49 -27.41
N PHE A 424 0.63 8.25 -26.67
CA PHE A 424 1.84 7.69 -27.27
C PHE A 424 2.44 6.50 -26.54
N VAL A 425 2.54 6.50 -25.19
CA VAL A 425 3.13 5.35 -24.45
C VAL A 425 2.24 4.08 -24.62
N LEU A 426 0.94 4.14 -24.23
CA LEU A 426 0.02 3.02 -24.34
C LEU A 426 -0.16 2.45 -25.76
N ASN A 427 -0.05 3.32 -26.78
CA ASN A 427 -0.21 2.97 -28.19
C ASN A 427 1.07 2.46 -28.91
N VAL A 428 2.27 2.56 -28.30
CA VAL A 428 3.52 2.09 -28.93
C VAL A 428 3.44 0.62 -29.31
N LYS A 429 3.92 0.35 -30.52
CA LYS A 429 4.05 -0.90 -31.25
C LYS A 429 5.37 -0.70 -32.01
N PHE A 430 6.35 -1.62 -31.84
CA PHE A 430 7.65 -1.57 -32.53
C PHE A 430 8.39 -2.89 -32.37
N ASP A 431 9.22 -3.24 -33.34
CA ASP A 431 10.00 -4.47 -33.27
C ASP A 431 11.02 -4.40 -32.15
N ALA A 432 11.02 -5.42 -31.27
CA ALA A 432 11.92 -5.49 -30.12
C ALA A 432 13.35 -5.24 -30.55
N PRO A 433 14.05 -4.27 -29.92
CA PRO A 433 15.44 -4.01 -30.33
C PRO A 433 16.37 -5.13 -29.86
N PHE A 434 17.51 -5.32 -30.55
CA PHE A 434 18.56 -6.30 -30.19
C PHE A 434 18.03 -7.75 -30.08
N ARG A 435 16.98 -8.04 -30.87
CA ARG A 435 16.35 -9.34 -30.94
C ARG A 435 17.24 -10.30 -31.77
N PRO A 436 17.56 -11.51 -31.26
CA PRO A 436 18.41 -12.43 -32.03
C PRO A 436 17.64 -12.92 -33.26
N ALA A 437 18.38 -13.18 -34.37
CA ALA A 437 17.86 -13.56 -35.71
C ALA A 437 16.53 -14.34 -35.73
N ASP A 438 16.50 -15.54 -35.12
CA ASP A 438 15.34 -16.44 -35.06
C ASP A 438 14.14 -15.88 -34.28
N THR A 439 14.29 -14.70 -33.63
CA THR A 439 13.21 -14.09 -32.87
C THR A 439 12.56 -12.93 -33.65
N HIS A 440 11.23 -12.87 -33.58
CA HIS A 440 10.40 -11.86 -34.23
C HIS A 440 9.37 -11.28 -33.21
N ASN A 441 9.87 -10.92 -31.99
CA ASN A 441 9.10 -10.34 -30.89
C ASN A 441 8.91 -8.82 -31.09
N GLU A 442 7.70 -8.35 -30.75
CA GLU A 442 7.21 -6.96 -30.86
C GLU A 442 6.97 -6.39 -29.46
N VAL A 443 7.38 -5.12 -29.22
CA VAL A 443 7.21 -4.42 -27.94
C VAL A 443 5.95 -3.59 -28.08
N ARG A 444 5.00 -3.80 -27.15
CA ARG A 444 3.70 -3.13 -27.07
C ARG A 444 3.09 -3.28 -25.67
N PHE A 445 2.03 -2.53 -25.39
CA PHE A 445 1.34 -2.58 -24.11
C PHE A 445 -0.11 -2.81 -24.45
N ASP A 446 -0.85 -3.49 -23.57
CA ASP A 446 -2.27 -3.71 -23.80
C ASP A 446 -3.04 -2.50 -23.27
N ARG A 447 -4.38 -2.60 -23.27
CA ARG A 447 -5.33 -1.57 -22.80
C ARG A 447 -4.94 -1.02 -21.42
N PHE A 448 -4.31 -1.86 -20.59
CA PHE A 448 -3.93 -1.51 -19.23
C PHE A 448 -2.41 -1.44 -18.97
N GLY A 449 -1.64 -1.09 -20.02
CA GLY A 449 -0.20 -0.91 -19.97
C GLY A 449 0.64 -2.13 -19.60
N ASP A 450 0.06 -3.32 -19.79
CA ASP A 450 0.68 -4.59 -19.47
C ASP A 450 1.38 -5.26 -20.65
N GLY A 451 2.41 -6.03 -20.32
CA GLY A 451 3.11 -6.96 -21.21
C GLY A 451 2.34 -8.28 -21.27
N ILE A 452 2.78 -9.21 -22.11
CA ILE A 452 2.08 -10.46 -22.38
C ILE A 452 2.47 -11.56 -21.41
N GLY A 453 1.48 -12.31 -20.94
CA GLY A 453 1.64 -13.43 -20.03
C GLY A 453 2.34 -14.63 -20.67
N ARG A 454 3.66 -14.53 -20.85
CA ARG A 454 4.52 -15.59 -21.38
C ARG A 454 5.62 -15.89 -20.36
N TYR A 455 5.81 -17.18 -20.06
CA TYR A 455 6.79 -17.62 -19.05
C TYR A 455 7.49 -18.89 -19.45
N ASN A 456 8.76 -19.05 -19.05
CA ASN A 456 9.54 -20.27 -19.22
C ASN A 456 9.53 -20.93 -17.84
N ILE A 457 9.40 -22.28 -17.80
CA ILE A 457 9.43 -23.09 -16.57
C ILE A 457 10.77 -23.85 -16.59
N PHE A 458 11.46 -23.90 -15.42
CA PHE A 458 12.74 -24.56 -15.26
C PHE A 458 12.66 -25.55 -14.13
N THR A 459 13.70 -26.34 -13.97
CA THR A 459 13.86 -27.24 -12.84
C THR A 459 15.34 -27.20 -12.41
N TYR A 460 15.60 -27.40 -11.10
CA TYR A 460 16.94 -27.38 -10.49
C TYR A 460 17.44 -28.80 -10.20
N LEU A 461 18.46 -29.26 -10.96
CA LEU A 461 19.01 -30.61 -10.86
C LEU A 461 20.55 -30.70 -10.77
N ARG A 462 21.04 -31.82 -10.18
CA ARG A 462 22.48 -32.14 -10.06
C ARG A 462 22.85 -33.03 -11.25
N ALA A 463 23.73 -32.54 -12.14
CA ALA A 463 24.16 -33.24 -13.37
C ALA A 463 25.50 -34.02 -13.24
N GLY A 464 26.64 -33.30 -13.20
CA GLY A 464 27.98 -33.87 -13.10
C GLY A 464 28.59 -33.72 -11.73
N GLY A 466 27.68 -30.52 -6.22
CA GLY A 466 28.14 -30.37 -7.59
C GLY A 466 27.65 -31.44 -8.54
N ARG A 467 27.34 -31.10 -9.82
CA ARG A 467 27.39 -29.75 -10.41
C ARG A 467 25.95 -29.32 -10.76
N TYR A 468 25.30 -28.71 -9.78
CA TYR A 468 23.91 -28.24 -9.81
C TYR A 468 23.62 -27.15 -10.86
N ARG A 469 22.42 -27.22 -11.51
CA ARG A 469 22.05 -26.27 -12.56
C ARG A 469 20.52 -26.18 -12.89
N TYR A 470 20.13 -25.05 -13.54
CA TYR A 470 18.77 -24.83 -14.01
C TYR A 470 18.57 -25.41 -15.42
N GLN A 471 17.51 -26.19 -15.58
CA GLN A 471 17.14 -26.78 -16.86
C GLN A 471 15.69 -26.45 -17.23
N LYS A 472 15.53 -25.75 -18.34
CA LYS A 472 14.22 -25.33 -18.85
C LYS A 472 13.39 -26.57 -19.27
N VAL A 473 12.33 -26.86 -18.48
CA VAL A 473 11.45 -28.02 -18.73
C VAL A 473 10.27 -27.70 -19.67
N GLY A 474 9.89 -26.43 -19.76
CA GLY A 474 8.79 -26.00 -20.62
C GLY A 474 8.50 -24.52 -20.58
N TYR A 475 7.28 -24.16 -20.99
CA TYR A 475 6.77 -22.78 -21.06
C TYR A 475 5.26 -22.69 -20.80
N TRP A 476 4.78 -21.48 -20.50
CA TRP A 476 3.36 -21.14 -20.34
C TRP A 476 3.06 -19.97 -21.26
N ALA A 477 2.05 -20.11 -22.13
CA ALA A 477 1.57 -19.09 -23.07
C ALA A 477 0.18 -19.51 -23.48
N GLU A 478 -0.82 -19.06 -22.69
CA GLU A 478 -2.25 -19.32 -22.83
C GLU A 478 -2.50 -20.82 -22.85
N GLY A 479 -1.94 -21.45 -21.82
CA GLY A 479 -1.95 -22.88 -21.59
C GLY A 479 -0.58 -23.36 -21.18
N LEU A 480 -0.53 -24.51 -20.50
CA LEU A 480 0.71 -25.12 -20.05
C LEU A 480 1.24 -26.15 -21.03
N THR A 481 2.57 -26.18 -21.18
CA THR A 481 3.30 -27.14 -22.01
C THR A 481 4.61 -27.42 -21.26
N LEU A 482 4.79 -28.67 -20.79
CA LEU A 482 6.02 -29.04 -20.09
C LEU A 482 6.46 -30.42 -20.49
N ASP A 483 7.78 -30.59 -20.67
CA ASP A 483 8.43 -31.84 -21.08
C ASP A 483 8.78 -32.69 -19.85
N THR A 484 7.84 -33.58 -19.45
CA THR A 484 7.96 -34.49 -18.29
C THR A 484 9.23 -35.34 -18.31
N SER A 485 9.76 -35.61 -19.52
CA SER A 485 10.99 -36.34 -19.81
C SER A 485 12.26 -35.65 -19.28
N LEU A 486 12.24 -34.32 -19.13
CA LEU A 486 13.41 -33.56 -18.67
C LEU A 486 13.58 -33.51 -17.14
N ILE A 487 12.50 -33.74 -16.35
CA ILE A 487 12.58 -33.75 -14.89
C ILE A 487 13.10 -35.12 -14.37
N PRO A 488 14.25 -35.16 -13.65
CA PRO A 488 14.75 -36.45 -13.12
C PRO A 488 13.72 -37.22 -12.29
N TRP A 489 13.05 -36.55 -11.33
CA TRP A 489 11.99 -37.14 -10.51
C TRP A 489 10.73 -37.32 -11.36
N LYS B 25 -9.95 22.62 -4.35
CA LYS B 25 -10.58 23.86 -4.82
C LYS B 25 -10.94 24.80 -3.66
N LYS B 26 -11.51 24.24 -2.55
CA LYS B 26 -11.87 24.97 -1.31
C LYS B 26 -10.84 24.69 -0.22
N VAL B 27 -10.27 25.75 0.34
CA VAL B 27 -9.26 25.66 1.40
C VAL B 27 -9.88 26.08 2.73
N LEU B 28 -9.59 25.32 3.81
CA LEU B 28 -10.02 25.70 5.16
C LEU B 28 -8.78 26.22 5.84
N THR B 29 -8.71 27.54 6.03
CA THR B 29 -7.57 28.21 6.65
C THR B 29 -7.97 28.98 7.90
N LEU B 30 -7.16 28.82 8.95
CA LEU B 30 -7.30 29.51 10.21
C LEU B 30 -5.94 30.18 10.48
N GLU B 31 -5.92 31.48 10.81
CA GLU B 31 -4.62 32.09 11.12
C GLU B 31 -4.21 31.75 12.56
N GLY B 32 -2.91 31.62 12.75
CA GLY B 32 -2.28 31.29 14.02
C GLY B 32 -0.78 31.28 13.94
N ASP B 33 -0.14 31.39 15.11
CA ASP B 33 1.30 31.35 15.30
C ASP B 33 1.91 30.04 14.76
N LEU B 34 1.19 28.90 14.93
CA LEU B 34 1.53 27.57 14.38
C LEU B 34 0.29 27.02 13.69
N VAL B 35 0.45 26.41 12.52
CA VAL B 35 -0.64 25.89 11.69
C VAL B 35 -0.75 24.37 11.71
N LEU B 36 -1.85 23.84 12.29
CA LEU B 36 -2.16 22.40 12.33
C LEU B 36 -2.90 21.95 11.07
N GLY B 37 -2.25 21.10 10.27
CA GLY B 37 -2.86 20.49 9.11
C GLY B 37 -3.94 19.54 9.57
N GLY B 38 -5.01 19.47 8.79
CA GLY B 38 -6.15 18.62 9.06
C GLY B 38 -6.56 17.92 7.79
N LEU B 39 -7.19 16.74 7.91
CA LEU B 39 -7.59 15.91 6.78
C LEU B 39 -8.83 15.17 7.18
N PHE B 40 -9.92 15.43 6.43
CA PHE B 40 -11.22 14.87 6.76
C PHE B 40 -11.96 14.52 5.51
N PRO B 41 -12.78 13.44 5.58
CA PRO B 41 -13.61 13.06 4.42
C PRO B 41 -14.88 13.89 4.38
N VAL B 42 -14.78 15.19 4.11
CA VAL B 42 -15.93 16.09 4.07
C VAL B 42 -16.98 15.58 3.09
N HIS B 43 -16.54 15.09 1.91
CA HIS B 43 -17.43 14.53 0.90
C HIS B 43 -17.33 13.04 0.84
N GLN B 44 -18.34 12.41 0.29
CA GLN B 44 -18.35 10.97 0.05
C GLN B 44 -17.49 10.73 -1.23
N LYS B 45 -17.13 9.48 -1.53
CA LYS B 45 -16.41 9.28 -2.80
C LYS B 45 -17.48 9.43 -3.90
N GLY B 46 -17.10 10.01 -5.03
CA GLY B 46 -18.03 10.22 -6.14
C GLY B 46 -18.50 8.97 -6.87
N GLY B 47 -19.25 9.21 -7.95
CA GLY B 47 -19.74 8.18 -8.85
C GLY B 47 -18.62 7.70 -9.76
N PRO B 48 -18.92 6.91 -10.84
CA PRO B 48 -17.86 6.41 -11.75
C PRO B 48 -16.87 7.46 -12.30
N ALA B 49 -17.32 8.69 -12.56
CA ALA B 49 -16.44 9.76 -13.08
C ALA B 49 -16.03 10.84 -12.03
N GLU B 50 -16.97 11.32 -11.16
CA GLU B 50 -16.64 12.35 -10.17
C GLU B 50 -15.79 11.81 -9.00
N ASP B 51 -14.73 12.55 -8.64
CA ASP B 51 -13.85 12.22 -7.52
C ASP B 51 -14.59 12.43 -6.19
N CYS B 52 -15.42 13.50 -6.11
CA CYS B 52 -16.16 13.84 -4.90
C CYS B 52 -17.64 13.74 -5.10
N GLY B 53 -18.28 13.03 -4.19
CA GLY B 53 -19.73 12.86 -4.16
C GLY B 53 -20.41 13.84 -3.21
N PRO B 54 -21.60 13.49 -2.69
CA PRO B 54 -22.27 14.39 -1.74
C PRO B 54 -21.51 14.55 -0.41
N VAL B 55 -21.85 15.58 0.38
CA VAL B 55 -21.24 15.82 1.68
C VAL B 55 -21.51 14.60 2.58
N ASN B 56 -20.44 14.12 3.22
CA ASN B 56 -20.41 13.12 4.26
C ASN B 56 -20.68 13.88 5.52
N GLU B 57 -21.90 13.81 6.01
CA GLU B 57 -22.44 14.62 7.11
C GLU B 57 -21.84 14.37 8.49
N HIS B 58 -21.97 13.12 8.99
CA HIS B 58 -21.55 12.72 10.34
C HIS B 58 -20.08 12.58 10.49
N ARG B 59 -19.46 11.62 9.78
CA ARG B 59 -18.02 11.36 9.90
C ARG B 59 -17.16 12.38 9.14
N GLY B 60 -17.81 13.36 8.49
CA GLY B 60 -17.14 14.36 7.67
C GLY B 60 -17.14 15.75 8.25
N ILE B 61 -18.27 16.41 8.11
CA ILE B 61 -18.57 17.72 8.62
C ILE B 61 -18.44 17.86 10.15
N GLN B 62 -19.07 16.96 10.88
CA GLN B 62 -19.10 16.93 12.35
C GLN B 62 -17.67 16.66 12.93
N ARG B 63 -16.92 15.71 12.34
CA ARG B 63 -15.53 15.45 12.74
C ARG B 63 -14.68 16.66 12.39
N LEU B 64 -14.98 17.33 11.28
CA LEU B 64 -14.20 18.53 10.94
C LEU B 64 -14.45 19.63 12.01
N GLU B 65 -15.73 19.80 12.45
CA GLU B 65 -16.11 20.81 13.43
C GLU B 65 -15.52 20.47 14.79
N ALA B 66 -15.40 19.15 15.11
CA ALA B 66 -14.71 18.67 16.32
C ALA B 66 -13.25 19.21 16.38
N MET B 67 -12.50 19.21 15.24
CA MET B 67 -11.13 19.76 15.19
C MET B 67 -11.15 21.24 15.39
N LEU B 68 -12.17 21.92 14.84
CA LEU B 68 -12.31 23.36 14.94
C LEU B 68 -12.73 23.76 16.36
N PHE B 69 -13.59 22.97 17.01
CA PHE B 69 -14.05 23.16 18.38
C PHE B 69 -12.83 23.01 19.32
N ALA B 70 -11.98 21.96 19.11
CA ALA B 70 -10.79 21.66 19.93
C ALA B 70 -9.79 22.79 19.87
N LEU B 71 -9.48 23.26 18.64
CA LEU B 71 -8.56 24.38 18.42
C LEU B 71 -8.99 25.67 19.10
N ASP B 72 -10.32 25.86 19.32
CA ASP B 72 -10.94 27.02 19.97
C ASP B 72 -10.78 26.92 21.45
N ARG B 73 -10.94 25.73 22.02
CA ARG B 73 -10.79 25.53 23.46
C ARG B 73 -9.32 25.68 23.88
N ILE B 74 -8.38 25.21 23.02
CA ILE B 74 -6.93 25.25 23.20
C ILE B 74 -6.45 26.72 23.16
N ASN B 75 -7.00 27.52 22.22
CA ASN B 75 -6.73 28.95 22.05
C ASN B 75 -7.33 29.82 23.19
N ARG B 76 -8.10 29.18 24.08
CA ARG B 76 -8.73 29.76 25.25
C ARG B 76 -8.15 29.13 26.51
N ASP B 77 -7.34 28.08 26.33
CA ASP B 77 -6.74 27.37 27.46
C ASP B 77 -5.55 28.16 28.01
N PRO B 78 -5.61 28.70 29.24
CA PRO B 78 -4.45 29.46 29.75
C PRO B 78 -3.31 28.53 30.20
N HIS B 79 -3.60 27.23 30.47
CA HIS B 79 -2.63 26.20 30.85
C HIS B 79 -1.94 25.52 29.65
N LEU B 80 -2.57 25.57 28.47
CA LEU B 80 -2.08 24.96 27.22
C LEU B 80 -1.79 26.05 26.17
N LEU B 81 -0.50 26.21 25.83
CA LEU B 81 0.09 27.22 24.91
C LEU B 81 -0.60 28.61 24.97
N PRO B 82 -0.69 29.24 26.17
CA PRO B 82 -1.39 30.53 26.27
C PRO B 82 -0.81 31.65 25.41
N GLY B 83 0.43 31.49 24.95
CA GLY B 83 1.11 32.52 24.16
C GLY B 83 1.32 32.21 22.70
N VAL B 84 0.76 31.06 22.24
CA VAL B 84 0.89 30.60 20.85
C VAL B 84 -0.49 30.15 20.36
N ARG B 85 -1.01 30.83 19.36
CA ARG B 85 -2.32 30.51 18.78
C ARG B 85 -2.14 29.46 17.69
N LEU B 86 -2.96 28.41 17.75
CA LEU B 86 -2.94 27.36 16.73
C LEU B 86 -3.95 27.65 15.63
N GLY B 87 -3.46 27.50 14.41
CA GLY B 87 -4.19 27.62 13.17
C GLY B 87 -4.51 26.25 12.63
N ALA B 88 -5.11 26.22 11.44
CA ALA B 88 -5.53 25.01 10.75
C ALA B 88 -5.50 25.24 9.25
N HIS B 89 -5.15 24.17 8.54
CA HIS B 89 -5.11 24.06 7.09
C HIS B 89 -5.76 22.70 6.89
N ILE B 90 -7.11 22.69 6.83
CA ILE B 90 -7.89 21.46 6.71
C ILE B 90 -8.27 21.22 5.28
N LEU B 91 -7.93 20.02 4.80
CA LEU B 91 -8.18 19.54 3.45
C LEU B 91 -9.22 18.40 3.50
N ASP B 92 -9.88 18.19 2.38
CA ASP B 92 -10.90 17.19 2.16
C ASP B 92 -10.26 16.02 1.38
N SER B 93 -10.49 14.80 1.85
CA SER B 93 -9.93 13.60 1.26
C SER B 93 -10.84 13.03 0.15
N CYS B 94 -12.12 13.45 0.17
CA CYS B 94 -13.24 13.00 -0.63
C CYS B 94 -13.46 11.48 -0.49
N SER B 95 -13.07 10.92 0.68
CA SER B 95 -13.17 9.47 1.01
C SER B 95 -12.34 8.56 0.07
N LYS B 96 -11.35 9.15 -0.67
CA LYS B 96 -10.50 8.47 -1.67
C LYS B 96 -9.01 8.77 -1.48
N ASP B 97 -8.21 7.72 -1.25
CA ASP B 97 -6.77 7.76 -0.99
C ASP B 97 -5.95 8.63 -1.98
N THR B 98 -6.26 8.54 -3.31
CA THR B 98 -5.58 9.26 -4.40
C THR B 98 -5.87 10.76 -4.42
N HIS B 99 -7.10 11.14 -3.99
CA HIS B 99 -7.57 12.51 -3.89
C HIS B 99 -6.91 13.12 -2.65
N ALA B 100 -6.96 12.42 -1.51
CA ALA B 100 -6.28 12.86 -0.27
C ALA B 100 -4.79 13.10 -0.52
N LEU B 101 -4.12 12.19 -1.27
CA LEU B 101 -2.70 12.30 -1.63
C LEU B 101 -2.41 13.52 -2.53
N GLU B 102 -3.36 13.88 -3.43
CA GLU B 102 -3.31 15.06 -4.32
C GLU B 102 -3.54 16.31 -3.47
N GLN B 103 -4.41 16.20 -2.45
CA GLN B 103 -4.67 17.29 -1.49
C GLN B 103 -3.52 17.47 -0.50
N ALA B 104 -2.93 16.38 0.03
CA ALA B 104 -1.82 16.38 1.00
C ALA B 104 -0.55 17.04 0.46
N LEU B 105 -0.50 17.27 -0.87
CA LEU B 105 0.57 18.00 -1.56
C LEU B 105 0.71 19.43 -1.03
N ASP B 106 -0.39 20.05 -0.50
CA ASP B 106 -0.37 21.38 0.16
C ASP B 106 0.53 21.37 1.38
N PHE B 107 0.50 20.25 2.16
CA PHE B 107 1.23 20.10 3.41
C PHE B 107 2.74 20.01 3.22
N VAL B 108 3.19 19.72 1.99
CA VAL B 108 4.59 19.50 1.66
C VAL B 108 5.19 20.59 0.75
N ARG B 109 4.36 21.20 -0.14
CA ARG B 109 4.75 22.21 -1.16
C ARG B 109 5.72 23.28 -0.68
N ALA B 110 5.43 23.90 0.48
CA ALA B 110 6.22 24.98 1.09
C ALA B 110 7.65 24.51 1.43
N SER B 111 7.76 23.26 1.94
CA SER B 111 9.03 22.61 2.32
C SER B 111 9.50 21.62 1.26
N THR B 136 1.60 28.00 3.22
CA THR B 136 2.05 28.19 4.60
C THR B 136 2.81 26.95 5.14
N ALA B 137 3.40 27.06 6.36
CA ALA B 137 4.12 25.98 7.03
C ALA B 137 3.17 25.16 7.91
N ILE B 138 3.21 23.84 7.72
CA ILE B 138 2.38 22.84 8.40
C ILE B 138 3.22 22.17 9.49
N THR B 139 2.77 22.28 10.76
CA THR B 139 3.50 21.68 11.87
C THR B 139 3.20 20.18 11.95
N GLY B 140 1.94 19.81 12.03
CA GLY B 140 1.53 18.42 12.08
C GLY B 140 0.26 18.17 11.30
N VAL B 141 -0.22 16.91 11.29
CA VAL B 141 -1.44 16.64 10.55
C VAL B 141 -2.38 15.82 11.42
N ILE B 142 -3.59 16.30 11.57
CA ILE B 142 -4.69 15.55 12.12
C ILE B 142 -5.45 14.84 11.01
N GLY B 143 -5.55 13.52 11.13
CA GLY B 143 -6.16 12.68 10.09
C GLY B 143 -5.24 11.59 9.58
N GLY B 144 -5.70 10.82 8.59
CA GLY B 144 -7.01 10.91 7.97
C GLY B 144 -8.00 10.08 8.76
N SER B 145 -9.13 9.72 8.14
CA SER B 145 -10.16 8.96 8.85
C SER B 145 -10.11 7.46 8.50
N TYR B 146 -10.18 7.14 7.21
CA TYR B 146 -10.08 5.81 6.62
C TYR B 146 -8.62 5.42 6.60
N SER B 147 -8.33 4.12 6.85
CA SER B 147 -6.96 3.59 6.88
C SER B 147 -6.19 3.84 5.63
N ASP B 148 -6.77 3.56 4.43
CA ASP B 148 -6.12 3.65 3.14
C ASP B 148 -5.56 5.01 2.86
N VAL B 149 -6.32 6.02 3.25
CA VAL B 149 -6.00 7.43 3.14
C VAL B 149 -4.87 7.73 4.15
N SER B 150 -4.86 7.09 5.32
CA SER B 150 -3.79 7.37 6.28
C SER B 150 -2.46 6.78 5.86
N ILE B 151 -2.49 5.60 5.27
CA ILE B 151 -1.32 4.89 4.78
C ILE B 151 -0.65 5.72 3.68
N GLN B 152 -1.43 6.08 2.67
CA GLN B 152 -1.04 6.87 1.50
C GLN B 152 -0.48 8.24 1.88
N VAL B 153 -1.13 8.88 2.87
CA VAL B 153 -0.78 10.21 3.38
C VAL B 153 0.45 10.09 4.26
N ALA B 154 0.52 9.05 5.11
CA ALA B 154 1.76 8.80 5.92
C ALA B 154 3.02 8.61 5.07
N ASN B 155 2.95 7.84 3.93
CA ASN B 155 4.10 7.61 3.03
C ASN B 155 4.68 8.89 2.39
N LEU B 156 3.84 9.91 2.23
CA LEU B 156 4.25 11.19 1.70
C LEU B 156 4.80 12.05 2.85
N LEU B 157 4.10 12.08 4.01
CA LEU B 157 4.45 12.86 5.19
C LEU B 157 5.81 12.53 5.79
N ARG B 158 6.18 11.24 5.81
CA ARG B 158 7.48 10.80 6.35
C ARG B 158 8.68 11.39 5.57
N LEU B 159 8.51 11.62 4.28
CA LEU B 159 9.54 12.19 3.40
C LEU B 159 9.87 13.68 3.69
N PHE B 160 9.04 14.36 4.51
CA PHE B 160 9.17 15.77 4.87
C PHE B 160 9.09 15.94 6.38
N GLN B 161 9.23 14.81 7.08
CA GLN B 161 9.23 14.65 8.53
C GLN B 161 8.04 15.35 9.19
N ILE B 162 6.86 15.18 8.58
CA ILE B 162 5.63 15.76 9.12
C ILE B 162 4.92 14.77 10.07
N PRO B 163 4.77 15.11 11.40
CA PRO B 163 4.05 14.21 12.33
C PRO B 163 2.57 14.15 11.98
N GLN B 164 1.92 12.99 12.25
CA GLN B 164 0.52 12.76 11.93
C GLN B 164 -0.15 11.92 12.99
N ILE B 165 -1.30 12.37 13.43
CA ILE B 165 -2.13 11.65 14.33
C ILE B 165 -3.49 11.45 13.70
N SER B 166 -3.88 10.21 13.54
CA SER B 166 -5.19 9.85 13.01
C SER B 166 -6.15 9.70 14.18
N TYR B 167 -7.41 10.05 13.95
CA TYR B 167 -8.49 9.97 14.93
C TYR B 167 -9.43 8.79 14.62
N ALA B 168 -9.21 8.05 13.50
CA ALA B 168 -10.09 6.93 13.13
C ALA B 168 -9.41 5.74 12.42
N SER B 169 -8.20 5.92 11.89
CA SER B 169 -7.54 4.79 11.19
C SER B 169 -7.16 3.63 12.14
N THR B 170 -7.84 2.49 12.01
CA THR B 170 -7.60 1.36 12.92
C THR B 170 -6.72 0.22 12.33
N SER B 171 -6.54 0.12 10.99
CA SER B 171 -5.70 -0.93 10.40
C SER B 171 -4.32 -1.15 11.13
N ALA B 172 -4.09 -2.39 11.63
CA ALA B 172 -2.88 -2.84 12.39
C ALA B 172 -1.53 -2.45 11.74
N LYS B 173 -1.44 -2.50 10.41
CA LYS B 173 -0.28 -2.18 9.56
C LYS B 173 0.34 -0.81 9.91
N LEU B 174 -0.48 0.16 10.31
CA LEU B 174 -0.02 1.50 10.66
C LEU B 174 0.82 1.52 11.93
N SER B 175 0.76 0.40 12.73
CA SER B 175 1.52 0.17 13.97
C SER B 175 2.99 -0.16 13.72
N ASP B 176 3.35 -0.53 12.48
CA ASP B 176 4.74 -0.82 12.10
C ASP B 176 5.52 0.53 11.88
N LYS B 177 6.43 0.86 12.86
CA LYS B 177 7.23 2.08 12.93
C LYS B 177 8.40 2.16 11.96
N SER B 178 8.82 1.03 11.36
CA SER B 178 9.89 1.02 10.36
C SER B 178 9.34 1.60 9.03
N ARG B 179 8.05 1.39 8.74
CA ARG B 179 7.37 1.94 7.55
C ARG B 179 6.58 3.24 7.84
N TYR B 180 5.95 3.35 9.04
CA TYR B 180 5.17 4.54 9.36
C TYR B 180 5.73 5.24 10.61
N ASP B 181 6.92 5.87 10.45
CA ASP B 181 7.64 6.50 11.57
C ASP B 181 7.16 7.90 11.94
N TYR B 182 6.11 8.41 11.30
CA TYR B 182 5.63 9.74 11.65
C TYR B 182 4.19 9.63 11.93
N PHE B 183 3.78 8.41 12.31
CA PHE B 183 2.39 8.14 12.52
C PHE B 183 2.05 7.70 13.92
N ALA B 184 1.10 8.45 14.50
CA ALA B 184 0.52 8.16 15.79
C ALA B 184 -0.99 8.26 15.58
N ARG B 185 -1.74 7.62 16.48
CA ARG B 185 -3.19 7.63 16.47
C ARG B 185 -3.74 7.54 17.88
N THR B 186 -4.96 8.07 18.09
CA THR B 186 -5.70 8.02 19.36
C THR B 186 -6.56 6.75 19.40
N VAL B 187 -6.56 6.01 18.30
CA VAL B 187 -7.36 4.78 18.12
C VAL B 187 -6.49 3.50 18.24
N PRO B 188 -7.02 2.40 18.82
CA PRO B 188 -6.23 1.15 18.87
C PRO B 188 -6.12 0.47 17.50
N PRO B 189 -5.13 -0.42 17.30
CA PRO B 189 -5.08 -1.13 16.01
C PRO B 189 -6.19 -2.20 15.95
N ASP B 190 -6.47 -2.72 14.73
CA ASP B 190 -7.49 -3.74 14.49
C ASP B 190 -7.08 -5.17 14.88
N PHE B 191 -5.84 -5.32 15.42
CA PHE B 191 -5.29 -6.54 15.99
C PHE B 191 -6.24 -6.86 17.16
N PHE B 192 -6.44 -5.85 18.01
CA PHE B 192 -7.27 -5.91 19.19
C PHE B 192 -8.78 -6.03 18.89
N GLN B 193 -9.29 -5.42 17.78
CA GLN B 193 -10.71 -5.52 17.42
C GLN B 193 -11.12 -6.94 17.00
N ALA B 194 -10.30 -7.53 16.08
CA ALA B 194 -10.48 -8.85 15.49
C ALA B 194 -10.33 -9.95 16.54
N LYS B 195 -9.49 -9.71 17.57
CA LYS B 195 -9.23 -10.59 18.69
C LYS B 195 -10.51 -10.61 19.52
N ALA B 196 -11.08 -9.41 19.76
CA ALA B 196 -12.31 -9.21 20.52
C ALA B 196 -13.53 -9.86 19.88
N MET B 197 -13.63 -9.81 18.52
CA MET B 197 -14.75 -10.38 17.78
C MET B 197 -14.70 -11.92 17.80
N ALA B 198 -13.46 -12.47 17.75
CA ALA B 198 -13.18 -13.90 17.81
C ALA B 198 -13.64 -14.50 19.15
N GLU B 199 -13.52 -13.71 20.23
CA GLU B 199 -13.93 -14.07 21.59
C GLU B 199 -15.46 -14.08 21.72
N ILE B 200 -16.17 -13.22 20.93
CA ILE B 200 -17.63 -13.14 20.91
C ILE B 200 -18.20 -14.46 20.33
N LEU B 201 -17.57 -14.97 19.26
CA LEU B 201 -17.97 -16.20 18.61
C LEU B 201 -17.58 -17.39 19.47
N ARG B 202 -16.45 -17.28 20.20
CA ARG B 202 -15.99 -18.32 21.12
C ARG B 202 -16.96 -18.44 22.31
N PHE B 203 -17.42 -17.29 22.85
CA PHE B 203 -18.38 -17.20 23.96
C PHE B 203 -19.74 -17.82 23.61
N PHE B 204 -20.38 -17.33 22.51
CA PHE B 204 -21.71 -17.79 22.06
C PHE B 204 -21.69 -19.13 21.31
N ASN B 205 -20.57 -19.88 21.37
CA ASN B 205 -20.34 -21.21 20.77
C ASN B 205 -20.59 -21.23 19.25
N TRP B 206 -20.20 -20.15 18.57
CA TRP B 206 -20.30 -19.98 17.13
C TRP B 206 -18.97 -20.38 16.52
N THR B 207 -18.95 -21.57 15.89
CA THR B 207 -17.74 -22.20 15.39
C THR B 207 -17.77 -22.37 13.84
N TYR B 208 -18.92 -22.18 13.19
CA TYR B 208 -18.97 -22.30 11.73
C TYR B 208 -19.50 -21.00 11.13
N VAL B 209 -18.60 -20.02 11.09
CA VAL B 209 -18.86 -18.66 10.65
C VAL B 209 -18.38 -18.41 9.23
N SER B 210 -18.81 -17.29 8.66
CA SER B 210 -18.42 -16.84 7.33
C SER B 210 -17.80 -15.44 7.49
N THR B 211 -17.12 -14.93 6.46
CA THR B 211 -16.52 -13.58 6.56
C THR B 211 -16.80 -12.72 5.34
N VAL B 212 -17.06 -11.42 5.60
CA VAL B 212 -17.30 -10.40 4.58
C VAL B 212 -16.32 -9.23 4.83
N ALA B 213 -15.52 -8.87 3.81
CA ALA B 213 -14.54 -7.80 3.93
C ALA B 213 -14.68 -6.78 2.84
N SER B 214 -14.58 -5.50 3.21
CA SER B 214 -14.60 -4.44 2.21
C SER B 214 -13.23 -4.49 1.59
N GLU B 215 -13.15 -4.36 0.27
CA GLU B 215 -11.84 -4.34 -0.37
C GLU B 215 -11.04 -3.16 0.21
N GLY B 216 -9.76 -3.38 0.42
CA GLY B 216 -8.87 -2.35 0.94
C GLY B 216 -8.05 -2.81 2.12
N ASP B 217 -7.24 -1.91 2.67
CA ASP B 217 -6.40 -2.27 3.81
C ASP B 217 -7.20 -2.64 5.06
N TYR B 218 -8.18 -1.80 5.50
CA TYR B 218 -9.03 -2.06 6.69
C TYR B 218 -9.72 -3.46 6.70
N GLY B 219 -10.53 -3.73 5.68
CA GLY B 219 -11.30 -4.96 5.56
C GLY B 219 -10.48 -6.24 5.41
N GLU B 220 -9.47 -6.23 4.53
CA GLU B 220 -8.61 -7.39 4.25
C GLU B 220 -7.75 -7.75 5.47
N THR B 221 -6.84 -6.87 5.88
CA THR B 221 -5.98 -7.10 7.04
C THR B 221 -6.81 -7.35 8.32
N GLY B 222 -7.92 -6.64 8.47
CA GLY B 222 -8.86 -6.84 9.58
C GLY B 222 -9.44 -8.25 9.62
N ILE B 223 -9.88 -8.77 8.48
CA ILE B 223 -10.38 -10.14 8.39
C ILE B 223 -9.23 -11.13 8.50
N GLU B 224 -8.07 -10.76 8.00
CA GLU B 224 -6.88 -11.59 8.08
C GLU B 224 -6.54 -11.83 9.53
N ALA B 225 -6.52 -10.74 10.34
CA ALA B 225 -6.25 -10.83 11.78
C ALA B 225 -7.32 -11.69 12.46
N PHE B 226 -8.57 -11.55 11.99
CA PHE B 226 -9.70 -12.29 12.49
C PHE B 226 -9.58 -13.79 12.17
N GLU B 227 -8.96 -14.12 11.01
CA GLU B 227 -8.73 -15.52 10.58
C GLU B 227 -7.90 -16.25 11.64
N LEU B 228 -6.73 -15.66 12.01
CA LEU B 228 -5.77 -16.11 13.03
C LEU B 228 -6.42 -16.33 14.37
N GLU B 229 -7.30 -15.40 14.76
CA GLU B 229 -7.96 -15.39 16.07
C GLU B 229 -9.09 -16.41 16.17
N ALA B 230 -9.89 -16.59 15.08
CA ALA B 230 -10.97 -17.58 15.05
C ALA B 230 -10.34 -18.99 15.04
N ARG B 231 -9.26 -19.15 14.25
CA ARG B 231 -8.44 -20.35 14.13
C ARG B 231 -7.98 -20.76 15.54
N ALA B 232 -7.40 -19.79 16.31
CA ALA B 232 -6.91 -19.94 17.70
C ALA B 232 -7.99 -20.31 18.73
N ARG B 233 -9.28 -20.29 18.33
CA ARG B 233 -10.41 -20.61 19.21
C ARG B 233 -11.32 -21.73 18.69
N ASN B 234 -10.81 -22.56 17.74
CA ASN B 234 -11.48 -23.70 17.10
C ASN B 234 -12.59 -23.31 16.09
N ILE B 235 -12.71 -22.00 15.78
CA ILE B 235 -13.71 -21.48 14.84
C ILE B 235 -13.24 -21.64 13.39
N SER B 236 -14.05 -22.33 12.58
CA SER B 236 -13.80 -22.59 11.16
C SER B 236 -14.68 -21.67 10.30
N VAL B 237 -14.07 -21.07 9.28
CA VAL B 237 -14.77 -20.17 8.38
C VAL B 237 -15.18 -20.93 7.09
N ALA B 238 -16.52 -21.02 6.86
CA ALA B 238 -17.12 -21.66 5.69
C ALA B 238 -16.69 -21.00 4.36
N THR B 239 -16.76 -19.64 4.28
CA THR B 239 -16.36 -18.89 3.07
C THR B 239 -15.99 -17.42 3.42
N SER B 240 -15.26 -16.75 2.50
CA SER B 240 -14.77 -15.40 2.70
C SER B 240 -15.05 -14.51 1.49
N GLU B 241 -16.12 -13.71 1.55
CA GLU B 241 -16.44 -12.83 0.42
C GLU B 241 -15.85 -11.41 0.57
N LYS B 242 -15.50 -10.77 -0.58
CA LYS B 242 -14.91 -9.42 -0.67
C LYS B 242 -15.78 -8.47 -1.48
N VAL B 243 -16.07 -7.28 -0.91
CA VAL B 243 -16.92 -6.25 -1.50
C VAL B 243 -16.12 -5.16 -2.22
N GLY B 244 -16.45 -4.95 -3.49
CA GLY B 244 -15.87 -3.91 -4.33
C GLY B 244 -16.29 -2.52 -3.89
N ARG B 245 -15.34 -1.54 -3.97
CA ARG B 245 -15.50 -0.15 -3.55
C ARG B 245 -16.91 0.38 -3.76
N ALA B 246 -17.42 0.30 -5.01
CA ALA B 246 -18.77 0.76 -5.36
C ALA B 246 -19.57 -0.31 -6.12
N MET B 247 -20.01 -1.38 -5.42
CA MET B 247 -20.80 -2.45 -6.07
C MET B 247 -22.22 -1.97 -6.43
N SER B 248 -22.99 -2.81 -7.13
CA SER B 248 -24.40 -2.55 -7.45
C SER B 248 -25.24 -3.43 -6.51
N ARG B 249 -26.55 -3.20 -6.46
CA ARG B 249 -27.46 -3.97 -5.63
C ARG B 249 -27.54 -5.41 -6.12
N ALA B 250 -27.25 -5.61 -7.43
CA ALA B 250 -27.19 -6.91 -8.10
C ALA B 250 -25.96 -7.68 -7.56
N ALA B 251 -24.80 -6.98 -7.47
CA ALA B 251 -23.55 -7.55 -6.96
C ALA B 251 -23.66 -7.99 -5.50
N PHE B 252 -24.38 -7.21 -4.64
CA PHE B 252 -24.55 -7.56 -3.25
C PHE B 252 -25.45 -8.79 -3.11
N GLU B 253 -26.44 -8.96 -3.99
CA GLU B 253 -27.30 -10.16 -4.02
C GLU B 253 -26.41 -11.40 -4.41
N GLY B 254 -25.37 -11.15 -5.22
CA GLY B 254 -24.39 -12.16 -5.60
C GLY B 254 -23.72 -12.68 -4.34
N VAL B 255 -23.22 -11.73 -3.50
CA VAL B 255 -22.58 -11.96 -2.20
C VAL B 255 -23.53 -12.69 -1.23
N VAL B 256 -24.82 -12.32 -1.20
CA VAL B 256 -25.81 -12.97 -0.31
C VAL B 256 -25.92 -14.46 -0.65
N ARG B 257 -26.14 -14.78 -1.93
CA ARG B 257 -26.24 -16.16 -2.40
C ARG B 257 -24.88 -16.87 -2.26
N ALA B 258 -23.76 -16.12 -2.37
CA ALA B 258 -22.40 -16.67 -2.18
C ALA B 258 -22.23 -17.19 -0.74
N LEU B 259 -22.71 -16.41 0.26
CA LEU B 259 -22.71 -16.74 1.70
C LEU B 259 -23.69 -17.90 1.95
N LEU B 260 -24.81 -17.92 1.20
CA LEU B 260 -25.89 -18.90 1.27
C LEU B 260 -25.50 -20.29 0.74
N GLN B 261 -24.49 -20.37 -0.16
CA GLN B 261 -24.00 -21.61 -0.78
C GLN B 261 -23.49 -22.64 0.26
N LYS B 262 -23.53 -22.25 1.55
CA LYS B 262 -23.21 -23.04 2.73
C LYS B 262 -24.31 -22.69 3.76
N PRO B 263 -25.50 -23.33 3.64
CA PRO B 263 -26.62 -22.99 4.55
C PRO B 263 -26.36 -23.21 6.04
N SER B 264 -25.45 -24.15 6.39
CA SER B 264 -25.07 -24.47 7.77
C SER B 264 -24.44 -23.28 8.51
N ALA B 265 -23.72 -22.40 7.77
CA ALA B 265 -23.08 -21.18 8.31
C ALA B 265 -24.04 -20.00 8.29
N ARG B 266 -24.79 -19.83 9.38
CA ARG B 266 -25.76 -18.75 9.51
C ARG B 266 -25.16 -17.50 10.18
N VAL B 267 -23.86 -17.55 10.57
CA VAL B 267 -23.15 -16.42 11.19
C VAL B 267 -22.17 -15.78 10.18
N ALA B 268 -22.20 -14.44 10.08
CA ALA B 268 -21.35 -13.65 9.18
C ALA B 268 -20.60 -12.59 9.98
N VAL B 269 -19.26 -12.57 9.83
CA VAL B 269 -18.35 -11.62 10.48
C VAL B 269 -18.04 -10.55 9.43
N LEU B 270 -18.16 -9.26 9.79
CA LEU B 270 -17.90 -8.18 8.84
C LEU B 270 -16.84 -7.18 9.28
N PHE B 271 -15.87 -6.91 8.38
CA PHE B 271 -14.83 -5.88 8.46
C PHE B 271 -15.13 -5.00 7.26
N THR B 272 -16.28 -4.31 7.38
CA THR B 272 -16.88 -3.55 6.30
C THR B 272 -17.10 -2.09 6.57
N ARG B 273 -16.95 -1.27 5.50
CA ARG B 273 -17.31 0.14 5.43
C ARG B 273 -18.84 0.17 5.65
N SER B 274 -19.40 1.26 6.23
CA SER B 274 -20.85 1.35 6.52
C SER B 274 -21.79 1.21 5.31
N GLU B 275 -21.41 1.80 4.14
CA GLU B 275 -22.22 1.69 2.91
C GLU B 275 -22.42 0.24 2.52
N ASP B 276 -21.34 -0.56 2.63
CA ASP B 276 -21.26 -1.99 2.30
C ASP B 276 -22.14 -2.85 3.18
N ALA B 277 -22.08 -2.63 4.50
CA ALA B 277 -22.89 -3.34 5.49
C ALA B 277 -24.39 -3.06 5.26
N ARG B 278 -24.73 -1.80 4.89
CA ARG B 278 -26.09 -1.32 4.57
C ARG B 278 -26.62 -1.88 3.24
N GLU B 279 -25.76 -2.02 2.25
CA GLU B 279 -26.21 -2.57 0.95
C GLU B 279 -26.38 -4.08 1.05
N LEU B 280 -25.50 -4.75 1.83
CA LEU B 280 -25.53 -6.18 2.08
C LEU B 280 -26.75 -6.58 2.94
N LEU B 281 -27.14 -5.69 3.89
CA LEU B 281 -28.31 -5.93 4.73
C LEU B 281 -29.57 -5.70 3.91
N ALA B 282 -29.51 -4.73 2.95
CA ALA B 282 -30.62 -4.44 2.04
C ALA B 282 -30.83 -5.63 1.10
N ALA B 283 -29.73 -6.20 0.59
CA ALA B 283 -29.71 -7.37 -0.29
C ALA B 283 -30.21 -8.61 0.43
N SER B 284 -29.87 -8.74 1.72
CA SER B 284 -30.31 -9.87 2.55
C SER B 284 -31.81 -9.79 2.74
N GLN B 285 -32.35 -8.57 2.94
CA GLN B 285 -33.75 -8.28 3.12
C GLN B 285 -34.52 -8.62 1.84
N ARG B 286 -34.05 -8.16 0.67
CA ARG B 286 -34.69 -8.45 -0.63
C ARG B 286 -34.69 -9.95 -0.90
N LEU B 287 -33.54 -10.63 -0.72
CA LEU B 287 -33.46 -12.06 -0.98
C LEU B 287 -34.07 -12.95 0.12
N ASN B 288 -34.75 -12.34 1.12
CA ASN B 288 -35.36 -13.03 2.26
C ASN B 288 -34.33 -14.04 2.81
N ALA B 289 -33.15 -13.52 3.15
CA ALA B 289 -32.01 -14.27 3.66
C ALA B 289 -31.63 -13.77 5.04
N SER B 290 -31.65 -14.69 6.02
CA SER B 290 -31.42 -14.40 7.43
C SER B 290 -30.06 -14.87 7.96
N PHE B 291 -29.18 -13.91 8.27
CA PHE B 291 -27.84 -14.14 8.84
C PHE B 291 -27.72 -13.58 10.27
N THR B 292 -26.70 -14.04 11.02
CA THR B 292 -26.37 -13.58 12.37
C THR B 292 -25.14 -12.73 12.14
N TRP B 293 -25.31 -11.40 12.19
CA TRP B 293 -24.24 -10.45 11.88
C TRP B 293 -23.38 -10.12 13.06
N VAL B 294 -22.07 -10.19 12.87
CA VAL B 294 -21.06 -9.86 13.88
C VAL B 294 -20.20 -8.81 13.17
N ALA B 295 -20.36 -7.53 13.55
CA ALA B 295 -19.67 -6.48 12.79
C ALA B 295 -18.74 -5.58 13.59
N SER B 296 -17.76 -5.04 12.85
CA SER B 296 -16.69 -4.14 13.28
C SER B 296 -17.17 -2.67 13.34
N ASP B 297 -16.30 -1.75 13.80
CA ASP B 297 -16.56 -0.29 13.93
C ASP B 297 -17.10 0.41 12.67
N GLY B 298 -16.97 -0.24 11.52
CA GLY B 298 -17.50 0.25 10.25
C GLY B 298 -19.00 0.42 10.31
N TRP B 299 -19.68 -0.64 10.81
CA TRP B 299 -21.11 -0.70 11.03
C TRP B 299 -21.38 0.04 12.33
N GLY B 300 -20.70 -0.35 13.43
CA GLY B 300 -20.86 0.25 14.75
C GLY B 300 -22.31 0.32 15.20
N ALA B 301 -22.70 1.41 15.88
CA ALA B 301 -24.10 1.62 16.28
C ALA B 301 -24.70 2.71 15.38
N LEU B 302 -24.43 2.62 14.06
CA LEU B 302 -24.92 3.56 13.08
C LEU B 302 -26.33 3.20 12.69
N GLU B 303 -27.27 4.14 12.86
CA GLU B 303 -28.69 3.94 12.53
C GLU B 303 -28.88 3.78 11.03
N GLU B 304 -28.05 4.46 10.21
CA GLU B 304 -28.08 4.49 8.74
C GLU B 304 -27.78 3.13 8.07
N VAL B 305 -27.09 2.22 8.80
CA VAL B 305 -26.72 0.90 8.30
C VAL B 305 -27.96 0.02 8.23
N VAL B 306 -28.72 -0.03 9.34
CA VAL B 306 -29.93 -0.85 9.55
C VAL B 306 -31.26 -0.21 9.09
N ALA B 307 -31.27 1.12 8.87
CA ALA B 307 -32.45 1.90 8.51
C ALA B 307 -33.14 1.42 7.22
N GLY B 308 -34.27 0.73 7.40
CA GLY B 308 -35.02 0.16 6.29
C GLY B 308 -34.89 -1.34 6.19
N SER B 309 -33.81 -1.89 6.78
CA SER B 309 -33.52 -3.33 6.82
C SER B 309 -33.35 -3.76 8.28
N GLU B 310 -34.23 -3.23 9.17
CA GLU B 310 -34.21 -3.47 10.61
C GLU B 310 -34.52 -4.89 10.98
N GLY B 311 -35.37 -5.54 10.19
CA GLY B 311 -35.75 -6.93 10.36
C GLY B 311 -34.60 -7.84 9.97
N ALA B 312 -33.89 -7.49 8.87
CA ALA B 312 -32.75 -8.29 8.38
C ALA B 312 -31.55 -8.23 9.34
N ALA B 313 -31.44 -7.15 10.13
CA ALA B 313 -30.37 -6.87 11.09
C ALA B 313 -30.63 -7.32 12.53
N GLU B 314 -31.92 -7.44 12.91
CA GLU B 314 -32.27 -7.85 14.29
C GLU B 314 -31.52 -9.12 14.68
N GLY B 315 -30.85 -9.04 15.83
CA GLY B 315 -30.02 -10.10 16.40
C GLY B 315 -28.54 -9.79 16.35
N ALA B 316 -28.12 -8.84 15.46
CA ALA B 316 -26.73 -8.42 15.23
C ALA B 316 -26.00 -7.87 16.43
N ILE B 317 -24.71 -8.21 16.52
CA ILE B 317 -23.76 -7.78 17.53
C ILE B 317 -22.74 -6.91 16.82
N THR B 318 -22.58 -5.67 17.30
CA THR B 318 -21.67 -4.72 16.66
C THR B 318 -20.63 -4.24 17.67
N ILE B 319 -19.58 -3.58 17.18
CA ILE B 319 -18.46 -3.09 17.97
C ILE B 319 -18.18 -1.66 17.57
N GLU B 320 -17.92 -0.83 18.58
CA GLU B 320 -17.53 0.57 18.50
C GLU B 320 -16.34 0.67 19.41
N LEU B 321 -15.38 1.54 19.08
CA LEU B 321 -14.21 1.78 19.91
C LEU B 321 -14.74 2.61 21.07
N ALA B 322 -14.28 2.32 22.33
CA ALA B 322 -14.78 2.96 23.55
C ALA B 322 -14.61 4.47 23.57
N SER B 323 -15.75 5.13 23.38
CA SER B 323 -15.91 6.58 23.34
C SER B 323 -17.13 7.02 24.13
N TYR B 324 -17.20 8.33 24.39
CA TYR B 324 -18.28 8.99 25.12
C TYR B 324 -18.63 10.28 24.43
N PRO B 325 -19.91 10.73 24.46
CA PRO B 325 -20.23 12.03 23.85
C PRO B 325 -19.68 13.19 24.69
N ILE B 326 -19.27 14.26 24.02
CA ILE B 326 -18.83 15.44 24.73
C ILE B 326 -19.90 16.57 24.51
N SER B 327 -20.67 16.86 25.59
CA SER B 327 -21.77 17.84 25.65
C SER B 327 -21.40 19.26 25.25
N ASP B 328 -20.15 19.70 25.46
CA ASP B 328 -19.76 21.05 25.07
C ASP B 328 -19.60 21.14 23.54
N PHE B 329 -19.33 19.98 22.88
CA PHE B 329 -19.23 19.91 21.42
C PHE B 329 -20.64 19.89 20.81
N ALA B 330 -21.60 19.26 21.50
CA ALA B 330 -22.98 19.18 21.12
C ALA B 330 -23.58 20.59 20.94
N SER B 331 -23.56 21.39 22.01
CA SER B 331 -24.11 22.75 22.05
C SER B 331 -23.40 23.69 21.06
N TYR B 332 -22.12 23.41 20.78
CA TYR B 332 -21.29 24.15 19.80
C TYR B 332 -21.75 23.83 18.35
N PHE B 333 -22.07 22.55 18.09
CA PHE B 333 -22.44 22.11 16.76
C PHE B 333 -23.83 22.56 16.38
N GLN B 334 -24.75 22.49 17.34
CA GLN B 334 -26.14 22.89 17.17
C GLN B 334 -26.31 24.40 17.09
N SER B 335 -25.34 25.17 17.59
CA SER B 335 -25.43 26.63 17.49
C SER B 335 -24.79 27.19 16.21
N LEU B 336 -24.20 26.30 15.37
CA LEU B 336 -23.54 26.59 14.08
C LEU B 336 -24.57 27.05 13.07
N ASP B 337 -24.28 28.16 12.42
CA ASP B 337 -25.17 28.84 11.50
C ASP B 337 -24.44 29.21 10.21
N PRO B 338 -25.07 29.06 9.03
CA PRO B 338 -24.37 29.39 7.78
C PRO B 338 -23.95 30.86 7.60
N TRP B 339 -24.43 31.79 8.43
CA TRP B 339 -23.95 33.17 8.25
C TRP B 339 -22.86 33.50 9.26
N ASN B 340 -22.68 32.63 10.28
CA ASN B 340 -21.62 32.81 11.27
C ASN B 340 -20.48 31.79 11.13
N ASN B 341 -20.71 30.72 10.37
CA ASN B 341 -19.69 29.69 10.19
C ASN B 341 -18.99 29.77 8.81
N SER B 342 -18.65 31.02 8.38
CA SER B 342 -17.93 31.26 7.11
C SER B 342 -16.50 30.70 7.07
N ARG B 343 -15.88 30.45 8.27
CA ARG B 343 -14.52 29.89 8.39
C ARG B 343 -14.43 28.43 7.87
N ASN B 344 -15.54 27.69 7.96
CA ASN B 344 -15.64 26.36 7.38
C ASN B 344 -16.17 26.61 5.92
N PRO B 345 -15.38 26.35 4.86
CA PRO B 345 -15.86 26.70 3.51
C PRO B 345 -16.91 25.76 2.91
N TRP B 346 -17.15 24.59 3.55
CA TRP B 346 -18.08 23.54 3.17
C TRP B 346 -19.42 23.54 3.97
N PHE B 347 -19.55 24.43 4.98
CA PHE B 347 -20.71 24.47 5.86
C PHE B 347 -21.99 24.89 5.16
N ARG B 348 -21.87 25.77 4.18
CA ARG B 348 -23.03 26.15 3.38
C ARG B 348 -23.50 24.97 2.51
N GLU B 349 -22.56 24.24 1.86
CA GLU B 349 -22.91 23.07 1.04
C GLU B 349 -23.58 21.94 1.87
N PHE B 350 -23.16 21.78 3.16
CA PHE B 350 -23.69 20.79 4.09
C PHE B 350 -25.13 21.18 4.45
N TRP B 351 -25.33 22.49 4.71
CA TRP B 351 -26.59 23.12 5.12
C TRP B 351 -27.67 22.92 4.03
N GLU B 352 -27.30 23.12 2.77
CA GLU B 352 -28.17 22.91 1.60
C GLU B 352 -28.59 21.43 1.48
N GLN B 353 -27.74 20.51 1.93
CA GLN B 353 -27.97 19.07 1.79
C GLN B 353 -28.69 18.51 2.99
N ARG B 354 -28.37 19.04 4.15
CA ARG B 354 -28.95 18.67 5.42
C ARG B 354 -30.41 19.08 5.45
N PHE B 355 -30.72 20.33 5.06
CA PHE B 355 -32.07 20.88 5.13
C PHE B 355 -32.87 20.95 3.79
N ARG B 356 -32.31 20.48 2.66
CA ARG B 356 -32.95 20.55 1.33
C ARG B 356 -33.32 22.01 1.02
N CYS B 357 -32.29 22.85 0.90
CA CYS B 357 -32.46 24.26 0.63
C CYS B 357 -31.35 24.78 -0.27
N SER B 358 -31.34 26.09 -0.55
CA SER B 358 -30.34 26.78 -1.37
C SER B 358 -30.28 28.27 -0.98
N PHE B 359 -29.06 28.82 -0.90
CA PHE B 359 -28.83 30.21 -0.52
C PHE B 359 -29.22 31.18 -1.63
N ARG B 360 -29.20 30.67 -2.89
CA ARG B 360 -29.62 31.39 -4.08
C ARG B 360 -31.14 31.57 -3.97
N GLN B 361 -31.84 30.45 -3.65
CA GLN B 361 -33.28 30.29 -3.48
C GLN B 361 -33.89 30.98 -2.25
N ARG B 362 -33.03 31.43 -1.30
CA ARG B 362 -33.38 32.12 -0.04
C ARG B 362 -34.26 31.28 0.94
N ASP B 363 -34.16 29.92 0.89
CA ASP B 363 -34.91 29.04 1.78
C ASP B 363 -34.02 28.20 2.75
N CYS B 364 -32.93 28.78 3.28
CA CYS B 364 -32.05 28.04 4.20
C CYS B 364 -32.15 28.58 5.66
N ALA B 365 -32.36 29.91 5.81
CA ALA B 365 -32.42 30.69 7.06
C ALA B 365 -33.43 30.26 8.14
N ALA B 366 -34.57 29.66 7.78
CA ALA B 366 -35.57 29.27 8.79
C ALA B 366 -35.19 27.99 9.56
N HIS B 367 -34.18 27.27 9.06
CA HIS B 367 -33.73 26.02 9.66
C HIS B 367 -32.68 26.22 10.72
N SER B 368 -32.62 25.28 11.67
CA SER B 368 -31.62 25.24 12.73
C SER B 368 -31.33 23.80 13.09
N LEU B 369 -30.05 23.50 13.41
CA LEU B 369 -29.62 22.18 13.84
C LEU B 369 -30.22 21.78 15.21
N ARG B 370 -30.97 22.72 15.88
CA ARG B 370 -31.63 22.55 17.18
C ARG B 370 -33.04 22.03 17.06
N ALA B 371 -33.63 22.15 15.86
CA ALA B 371 -34.95 21.61 15.58
C ALA B 371 -34.75 20.10 15.43
N VAL B 372 -33.54 19.73 14.96
CA VAL B 372 -33.06 18.39 14.68
C VAL B 372 -32.56 17.62 15.92
N PRO B 373 -32.69 16.26 15.95
CA PRO B 373 -32.11 15.51 17.08
C PRO B 373 -30.59 15.40 16.89
N PHE B 374 -29.77 15.66 17.93
CA PHE B 374 -28.33 15.60 17.72
C PHE B 374 -27.70 14.27 18.10
N GLU B 375 -27.44 13.46 17.08
CA GLU B 375 -26.79 12.17 17.16
C GLU B 375 -25.27 12.44 16.97
N GLN B 376 -24.55 12.68 18.10
CA GLN B 376 -23.12 12.95 18.10
C GLN B 376 -22.40 11.75 17.57
N GLU B 377 -21.48 11.97 16.64
CA GLU B 377 -20.68 10.92 16.00
C GLU B 377 -19.76 10.26 17.04
N SER B 378 -19.65 8.90 16.95
CA SER B 378 -18.88 7.99 17.81
C SER B 378 -17.41 8.34 18.02
N LYS B 379 -16.66 8.70 16.97
CA LYS B 379 -15.23 8.96 17.12
C LYS B 379 -14.88 10.45 17.31
N ILE B 380 -15.86 11.30 17.70
CA ILE B 380 -15.69 12.75 17.96
C ILE B 380 -14.62 13.02 19.04
N MET B 381 -14.61 12.19 20.08
CA MET B 381 -13.67 12.26 21.18
C MET B 381 -12.25 12.08 20.65
N PHE B 382 -12.03 11.04 19.81
CA PHE B 382 -10.72 10.73 19.23
C PHE B 382 -10.15 11.83 18.31
N VAL B 383 -11.01 12.67 17.70
CA VAL B 383 -10.60 13.85 16.90
C VAL B 383 -10.13 14.87 17.90
N VAL B 384 -10.98 15.12 18.93
CA VAL B 384 -10.72 16.07 20.01
C VAL B 384 -9.34 15.76 20.70
N ASN B 385 -9.15 14.53 21.20
CA ASN B 385 -7.87 14.12 21.84
C ASN B 385 -6.65 14.17 20.91
N ALA B 386 -6.86 14.01 19.57
CA ALA B 386 -5.76 13.99 18.61
C ALA B 386 -5.20 15.38 18.38
N VAL B 387 -6.09 16.39 18.33
CA VAL B 387 -5.73 17.83 18.24
C VAL B 387 -5.02 18.23 19.59
N TYR B 388 -5.58 17.77 20.75
CA TYR B 388 -5.00 18.00 22.08
C TYR B 388 -3.62 17.32 22.26
N ALA B 389 -3.45 16.10 21.72
CA ALA B 389 -2.17 15.38 21.81
C ALA B 389 -1.06 16.14 21.13
N MET B 390 -1.37 16.73 19.96
CA MET B 390 -0.48 17.55 19.15
C MET B 390 -0.21 18.89 19.85
N ALA B 391 -1.24 19.45 20.51
CA ALA B 391 -1.12 20.74 21.17
C ALA B 391 -0.27 20.61 22.43
N HIS B 392 -0.50 19.51 23.25
CA HIS B 392 0.28 19.21 24.46
C HIS B 392 1.70 18.92 24.10
N ALA B 393 1.93 18.15 23.00
CA ALA B 393 3.27 17.81 22.53
C ALA B 393 4.08 19.09 22.29
N LEU B 394 3.43 20.07 21.64
CA LEU B 394 3.97 21.34 21.23
C LEU B 394 4.12 22.28 22.43
N HIS B 395 3.25 22.13 23.47
CA HIS B 395 3.28 22.89 24.72
C HIS B 395 4.52 22.43 25.49
N ASN B 396 4.72 21.10 25.53
CA ASN B 396 5.89 20.44 26.11
C ASN B 396 7.14 20.81 25.29
N MET B 397 6.99 20.94 23.95
CA MET B 397 8.09 21.34 23.06
C MET B 397 8.57 22.76 23.39
N HIS B 398 7.64 23.70 23.41
CA HIS B 398 7.83 25.11 23.74
C HIS B 398 8.46 25.29 25.15
N ARG B 399 7.90 24.59 26.18
CA ARG B 399 8.35 24.62 27.56
C ARG B 399 9.87 24.37 27.66
N ALA B 400 10.37 23.35 26.91
CA ALA B 400 11.77 22.94 26.86
C ALA B 400 12.65 23.74 25.90
N LEU B 401 12.08 24.23 24.78
CA LEU B 401 12.86 24.96 23.78
C LEU B 401 12.81 26.48 23.90
N CYS B 402 11.80 27.06 24.59
CA CYS B 402 11.65 28.51 24.82
C CYS B 402 11.31 28.77 26.30
N PRO B 403 12.24 28.53 27.27
CA PRO B 403 11.86 28.67 28.70
C PRO B 403 11.57 30.08 29.21
N ASN B 404 12.16 31.08 28.54
CA ASN B 404 12.14 32.51 28.87
C ASN B 404 10.83 33.29 28.56
N THR B 405 9.97 32.79 27.61
CA THR B 405 8.70 33.45 27.19
C THR B 405 7.54 32.47 26.85
N THR B 406 6.32 33.03 26.64
CA THR B 406 5.14 32.27 26.23
C THR B 406 5.03 32.25 24.71
N ARG B 407 5.74 33.19 24.04
CA ARG B 407 5.78 33.36 22.58
C ARG B 407 6.68 32.33 21.89
N LEU B 408 6.56 32.26 20.56
CA LEU B 408 7.35 31.36 19.72
C LEU B 408 8.78 31.84 19.50
N CYS B 409 9.74 31.26 20.23
CA CYS B 409 11.15 31.63 20.09
C CYS B 409 11.76 30.96 18.85
N ASP B 410 12.81 31.59 18.26
CA ASP B 410 13.52 31.17 17.05
C ASP B 410 13.83 29.65 16.97
N ALA B 411 13.90 28.97 18.14
CA ALA B 411 14.14 27.53 18.28
C ALA B 411 12.93 26.68 17.77
N MET B 412 11.83 27.36 17.39
CA MET B 412 10.60 26.75 16.87
C MET B 412 10.13 27.57 15.65
N ARG B 413 11.11 27.98 14.82
CA ARG B 413 10.92 28.76 13.59
C ARG B 413 11.98 28.30 12.54
N PRO B 414 11.79 27.16 11.84
CA PRO B 414 10.63 26.23 11.87
C PRO B 414 10.68 25.25 13.02
N VAL B 415 9.63 24.43 13.14
CA VAL B 415 9.53 23.42 14.19
C VAL B 415 10.09 22.12 13.63
N ASN B 416 11.14 21.57 14.28
CA ASN B 416 11.80 20.31 13.92
C ASN B 416 10.81 19.13 14.14
N GLY B 417 10.30 18.59 13.02
CA GLY B 417 9.29 17.53 12.95
C GLY B 417 9.68 16.23 13.61
N ARG B 418 10.94 15.78 13.35
CA ARG B 418 11.55 14.58 13.94
C ARG B 418 11.50 14.66 15.48
N ARG B 419 12.07 15.75 16.05
CA ARG B 419 12.13 16.01 17.49
C ARG B 419 10.72 16.05 18.07
N LEU B 420 9.78 16.65 17.30
CA LEU B 420 8.38 16.78 17.68
C LEU B 420 7.74 15.39 17.76
N TYR B 421 7.84 14.59 16.68
CA TYR B 421 7.25 13.25 16.72
C TYR B 421 7.92 12.33 17.77
N LYS B 422 9.25 12.20 17.72
CA LYS B 422 9.99 11.30 18.61
C LYS B 422 10.04 11.72 20.11
N ASP B 423 10.42 12.96 20.40
CA ASP B 423 10.60 13.40 21.79
C ASP B 423 9.33 13.94 22.49
N PHE B 424 8.34 14.44 21.73
CA PHE B 424 7.20 15.07 22.40
C PHE B 424 5.86 14.38 22.10
N VAL B 425 5.45 14.23 20.80
CA VAL B 425 4.18 13.57 20.43
C VAL B 425 4.05 12.20 21.09
N LEU B 426 5.09 11.34 20.97
CA LEU B 426 5.09 9.97 21.54
C LEU B 426 5.12 9.93 23.08
N ASN B 427 5.68 10.99 23.69
CA ASN B 427 5.82 11.06 25.13
C ASN B 427 4.75 11.92 25.82
N VAL B 428 3.59 12.19 25.13
CA VAL B 428 2.46 12.91 25.76
C VAL B 428 1.74 11.95 26.74
N LYS B 429 1.19 12.50 27.84
CA LYS B 429 0.43 11.79 28.86
C LYS B 429 -0.29 12.84 29.70
N PHE B 430 -1.59 12.99 29.44
CA PHE B 430 -2.47 13.95 30.09
C PHE B 430 -3.89 13.44 30.18
N ASP B 431 -4.70 14.08 31.01
CA ASP B 431 -6.10 13.70 31.15
C ASP B 431 -6.87 14.09 29.89
N ALA B 432 -7.75 13.20 29.41
CA ALA B 432 -8.58 13.51 28.23
C ALA B 432 -9.43 14.74 28.62
N PRO B 433 -9.45 15.83 27.83
CA PRO B 433 -10.32 16.96 28.21
C PRO B 433 -11.79 16.53 28.00
N PHE B 434 -12.71 17.12 28.76
CA PHE B 434 -14.16 16.89 28.68
C PHE B 434 -14.59 15.45 29.03
N ARG B 435 -13.63 14.58 29.46
CA ARG B 435 -13.85 13.18 29.83
C ARG B 435 -14.99 12.95 30.86
N PRO B 436 -15.66 11.77 30.93
CA PRO B 436 -16.65 11.58 32.00
C PRO B 436 -15.86 11.21 33.26
N ALA B 437 -15.41 12.25 34.01
CA ALA B 437 -14.56 12.20 35.21
C ALA B 437 -14.79 10.99 36.15
N ASP B 438 -16.04 10.46 36.23
CA ASP B 438 -16.39 9.26 37.02
C ASP B 438 -15.45 8.09 36.67
N THR B 439 -15.04 8.02 35.39
CA THR B 439 -14.10 7.06 34.82
C THR B 439 -12.80 7.80 34.42
N HIS B 440 -11.63 7.25 34.80
CA HIS B 440 -10.35 7.89 34.46
C HIS B 440 -9.84 7.48 33.06
N ASN B 441 -10.02 8.40 32.10
CA ASN B 441 -9.59 8.28 30.72
C ASN B 441 -8.38 9.19 30.52
N GLU B 442 -7.32 8.65 29.90
CA GLU B 442 -6.05 9.34 29.71
C GLU B 442 -5.56 9.28 28.25
N VAL B 443 -4.97 10.40 27.76
CA VAL B 443 -4.44 10.44 26.40
C VAL B 443 -2.93 10.20 26.40
N ARG B 444 -2.49 9.13 25.70
CA ARG B 444 -1.10 8.71 25.50
C ARG B 444 -0.99 7.75 24.30
N PHE B 445 0.23 7.49 23.83
CA PHE B 445 0.49 6.52 22.77
C PHE B 445 1.50 5.51 23.27
N ASP B 446 1.23 4.20 23.07
CA ASP B 446 2.11 3.05 23.41
C ASP B 446 3.39 3.10 22.56
N ARG B 447 4.27 2.07 22.67
CA ARG B 447 5.55 1.92 21.91
C ARG B 447 5.38 2.03 20.37
N PHE B 448 4.21 1.63 19.83
CA PHE B 448 3.89 1.70 18.39
C PHE B 448 3.05 3.00 17.99
N GLY B 449 2.85 3.92 18.94
CA GLY B 449 2.13 5.18 18.73
C GLY B 449 0.65 4.98 18.51
N ASP B 450 0.06 3.95 19.16
CA ASP B 450 -1.33 3.60 19.07
C ASP B 450 -2.04 3.95 20.38
N GLY B 451 -3.36 4.08 20.29
CA GLY B 451 -4.29 4.31 21.37
C GLY B 451 -4.58 2.97 22.01
N ILE B 452 -5.43 2.95 23.00
CA ILE B 452 -5.68 1.78 23.85
C ILE B 452 -6.79 0.90 23.33
N GLY B 453 -6.49 -0.39 23.23
CA GLY B 453 -7.39 -1.47 22.82
C GLY B 453 -8.58 -1.67 23.75
N ARG B 454 -9.60 -0.80 23.62
CA ARG B 454 -10.83 -0.82 24.39
C ARG B 454 -12.02 -0.58 23.46
N TYR B 455 -12.97 -1.54 23.46
CA TYR B 455 -14.15 -1.57 22.59
C TYR B 455 -15.41 -1.82 23.33
N ASN B 456 -16.51 -1.17 22.90
CA ASN B 456 -17.85 -1.37 23.46
C ASN B 456 -18.59 -2.33 22.52
N ILE B 457 -19.36 -3.27 23.07
CA ILE B 457 -20.17 -4.24 22.31
C ILE B 457 -21.66 -3.88 22.42
N PHE B 458 -22.39 -3.99 21.30
CA PHE B 458 -23.82 -3.66 21.18
C PHE B 458 -24.63 -4.79 20.53
N THR B 459 -25.97 -4.72 20.64
CA THR B 459 -26.88 -5.64 19.96
C THR B 459 -28.07 -4.85 19.38
N TYR B 460 -28.49 -5.18 18.11
CA TYR B 460 -29.68 -4.60 17.45
C TYR B 460 -30.87 -5.50 17.75
N LEU B 461 -31.85 -5.02 18.54
CA LEU B 461 -33.01 -5.83 18.98
C LEU B 461 -34.38 -5.18 18.74
N ARG B 462 -35.48 -5.89 19.12
CA ARG B 462 -36.87 -5.42 19.06
C ARG B 462 -37.53 -5.59 20.44
N GLY B 466 -40.17 -3.97 17.00
CA GLY B 466 -40.99 -2.80 17.28
C GLY B 466 -40.94 -2.39 18.74
N ARG B 467 -40.11 -1.38 19.09
CA ARG B 467 -39.19 -0.68 18.19
C ARG B 467 -37.79 -1.27 18.33
N TYR B 468 -36.93 -1.03 17.32
CA TYR B 468 -35.55 -1.50 17.24
C TYR B 468 -34.58 -0.46 17.77
N ARG B 469 -33.45 -0.95 18.32
CA ARG B 469 -32.41 -0.09 18.86
C ARG B 469 -31.16 -0.89 19.19
N TYR B 470 -30.00 -0.23 19.10
CA TYR B 470 -28.73 -0.79 19.54
C TYR B 470 -28.73 -0.68 21.06
N GLN B 471 -28.35 -1.76 21.75
CA GLN B 471 -28.26 -1.78 23.20
C GLN B 471 -26.86 -2.25 23.58
N LYS B 472 -26.18 -1.52 24.49
CA LYS B 472 -24.88 -1.92 24.99
C LYS B 472 -25.07 -3.22 25.80
N VAL B 473 -24.40 -4.31 25.36
CA VAL B 473 -24.49 -5.62 26.00
C VAL B 473 -23.17 -6.03 26.66
N GLY B 474 -22.08 -5.34 26.33
CA GLY B 474 -20.77 -5.65 26.88
C GLY B 474 -19.63 -4.77 26.44
N TYR B 475 -18.39 -5.31 26.55
CA TYR B 475 -17.15 -4.62 26.23
C TYR B 475 -15.93 -5.53 26.15
N TRP B 476 -14.82 -4.99 25.62
CA TRP B 476 -13.54 -5.65 25.54
C TRP B 476 -12.48 -4.63 25.93
N ALA B 477 -11.65 -5.00 26.90
CA ALA B 477 -10.55 -4.19 27.42
C ALA B 477 -9.60 -5.20 28.07
N GLU B 478 -8.75 -5.81 27.23
CA GLU B 478 -7.80 -6.90 27.52
C GLU B 478 -8.55 -8.24 27.55
N GLY B 479 -9.77 -8.22 28.08
CA GLY B 479 -10.65 -9.38 28.15
C GLY B 479 -12.07 -9.03 27.74
N LEU B 480 -12.81 -10.06 27.26
CA LEU B 480 -14.21 -9.92 26.85
C LEU B 480 -15.08 -9.94 28.11
N THR B 481 -15.94 -8.93 28.27
CA THR B 481 -16.83 -8.81 29.43
C THR B 481 -18.21 -8.39 28.96
N LEU B 482 -19.20 -9.29 29.11
CA LEU B 482 -20.58 -9.03 28.71
C LEU B 482 -21.60 -9.73 29.62
N ASP B 483 -22.75 -9.06 29.89
CA ASP B 483 -23.80 -9.66 30.72
C ASP B 483 -24.97 -10.16 29.87
N THR B 484 -25.36 -11.42 30.12
CA THR B 484 -26.40 -12.16 29.42
C THR B 484 -27.80 -11.60 29.59
N SER B 485 -28.07 -10.89 30.70
CA SER B 485 -29.38 -10.31 31.01
C SER B 485 -29.83 -9.26 29.98
N LEU B 486 -28.89 -8.71 29.20
CA LEU B 486 -29.16 -7.69 28.19
C LEU B 486 -29.33 -8.27 26.77
N ILE B 487 -29.55 -9.59 26.65
CA ILE B 487 -29.82 -10.24 25.36
C ILE B 487 -31.06 -11.15 25.47
N PRO B 488 -32.03 -11.04 24.52
CA PRO B 488 -33.23 -11.88 24.61
C PRO B 488 -33.01 -13.34 24.18
N TRP B 489 -31.92 -13.61 23.44
CA TRP B 489 -31.55 -14.93 22.92
C TRP B 489 -30.27 -15.42 23.59
#